data_7MRZ
#
_entry.id   7MRZ
#
_cell.length_a   68.261
_cell.length_b   68.261
_cell.length_c   990.380
_cell.angle_alpha   90.000
_cell.angle_beta   90.000
_cell.angle_gamma   120.000
#
_symmetry.space_group_name_H-M   'P 61 2 2'
#
loop_
_entity.id
_entity.type
_entity.pdbx_description
1 polymer 'Growth/differentiation factor 11'
2 polymer 'Activin receptor type-2B,Activin receptor type-1B'
3 polymer 'Fab Heavy Chain'
4 polymer 'Fab Light Chain'
5 non-polymer 2-acetamido-2-deoxy-beta-D-glucopyranose
6 non-polymer 'SULFATE ION'
#
loop_
_entity_poly.entity_id
_entity_poly.type
_entity_poly.pdbx_seq_one_letter_code
_entity_poly.pdbx_strand_id
1 'polypeptide(L)'
;NLGLDCDEHSSESRCCRYPLTVDFEAFGWDWIIAPKRYKANYCSGQCEYMFMQKYPHTHLVQQANPRGSAGPCCTPTKMS
PINMLYFNDKQQIIYGKIPGMVVDRCGCS
;
A
2 'polypeptide(L)'
;SGRGEAETRECIYYNANWELERTNQSGLERCEGEQDKRLHCYASWRNSSGTIELVKKGCWLDDFNCYDRQECVATEENPQ
VYFCCCEGNFCNERFTHLPEAGGPEVTYEPPPTAPTGGGTHTCPPCPAPELLGSGPRGVQALLCACTSCLQANYTCETDG
ACMVSIFNLDGMEHHVATCIPKVELVPAGKPFYCLSSEDLRNTHCCYTDYCNRIDLRVPSGHLKEPEHPSMWGPVETGGG
THTCPPCPAPELLG
;
C
3 'polypeptide(L)'
;QLQLQESGPGLVKPSETLSLTCTVSGGSISSSSYYWGWIRQPPGKGLEWIGSISYSGSTYYNPSLKSRVTISVDTSKNQF
SLKLSSVTAADTAVYYCARDSLRYGMDVWGQGTTVTVSSASTKGPSVFPLAPSSKSTSGGTAALGCLVKDYFPEPVTVSW
NSGALTSGVHTFPAVLQSSGLYSLSSVVTVPSSSLGTQTYICNVNHKPSNTKVDKRVEPKSC
;
X
4 'polypeptide(L)'
;DIVMTQSPDSLAVSLGERATINCKSSQSVLYSSNNKNYLAWYQQKPGQPPKLLIYWASTRESGVPDRFSGSGSGTDFTLT
ISSLQAEDVAVYYCQQYALAPPRTFGGGTKVEIKRTVAAPSVFIFPPSDEQLKSGTASVVCLLNNFYPREAKVQWKVDNA
LQSGNSQESVTEQDSKDSTYSLSSTLTLSKADYEKHKVYACEVTHQGLSSPVTKSFNRGEC
;
Y
#
# COMPACT_ATOMS: atom_id res chain seq x y z
N LEU A 2 4.45 17.98 40.80
CA LEU A 2 4.76 16.61 40.40
C LEU A 2 4.19 15.63 41.42
N GLY A 3 3.03 15.05 41.10
CA GLY A 3 2.40 14.10 41.97
C GLY A 3 2.88 12.67 41.73
N LEU A 4 2.69 11.84 42.75
CA LEU A 4 3.09 10.44 42.69
C LEU A 4 1.95 9.60 42.15
N ASP A 5 2.25 8.75 41.17
CA ASP A 5 1.27 7.88 40.53
C ASP A 5 1.48 6.46 41.07
N CYS A 6 0.50 5.97 41.82
CA CYS A 6 0.56 4.63 42.38
C CYS A 6 -0.25 3.65 41.54
N ASP A 7 -0.14 2.38 41.91
CA ASP A 7 -0.90 1.31 41.29
C ASP A 7 -1.29 0.31 42.38
N GLU A 8 -2.15 -0.63 42.01
CA GLU A 8 -2.62 -1.63 42.98
C GLU A 8 -1.46 -2.29 43.71
N HIS A 9 -0.30 -2.39 43.08
CA HIS A 9 0.85 -3.05 43.66
C HIS A 9 1.30 -2.35 44.94
N SER A 10 1.79 -1.12 44.80
CA SER A 10 2.20 -0.37 45.99
C SER A 10 1.00 -0.13 46.90
N SER A 11 1.29 0.06 48.18
CA SER A 11 0.27 -0.21 49.19
C SER A 11 -0.19 0.99 50.03
N GLU A 12 0.53 1.31 51.10
CA GLU A 12 0.34 2.44 52.01
C GLU A 12 -0.75 3.45 51.69
N SER A 13 -1.20 4.19 52.70
CA SER A 13 -2.31 5.13 52.50
C SER A 13 -1.76 6.55 52.51
N ARG A 14 -1.17 6.94 51.37
CA ARG A 14 -0.80 8.33 51.11
C ARG A 14 -1.57 8.83 49.89
N CYS A 15 -1.89 10.12 49.89
CA CYS A 15 -2.64 10.70 48.78
C CYS A 15 -1.99 10.34 47.46
N CYS A 16 -2.62 9.46 46.69
CA CYS A 16 -2.00 8.95 45.47
C CYS A 16 -3.06 8.56 44.45
N ARG A 17 -2.63 8.50 43.19
CA ARG A 17 -3.50 8.17 42.07
C ARG A 17 -3.50 6.66 41.85
N TYR A 18 -4.59 6.00 42.22
CA TYR A 18 -4.84 4.62 41.88
C TYR A 18 -5.53 4.53 40.52
N PRO A 19 -5.36 3.44 39.78
CA PRO A 19 -6.08 3.30 38.52
C PRO A 19 -7.52 2.86 38.72
N LEU A 20 -8.38 3.32 37.82
CA LEU A 20 -9.80 2.95 37.84
C LEU A 20 -10.36 3.20 36.46
N THR A 21 -10.75 2.12 35.77
CA THR A 21 -11.27 2.21 34.41
C THR A 21 -12.78 2.32 34.44
N VAL A 22 -13.32 3.28 33.70
CA VAL A 22 -14.77 3.44 33.57
C VAL A 22 -15.20 2.76 32.28
N ASP A 23 -16.36 2.11 32.32
CA ASP A 23 -16.92 1.41 31.17
C ASP A 23 -18.37 1.86 31.00
N PHE A 24 -18.64 2.59 29.91
CA PHE A 24 -20.00 3.05 29.67
C PHE A 24 -20.90 1.88 29.25
N GLU A 25 -20.39 0.97 28.42
CA GLU A 25 -21.18 -0.16 27.98
C GLU A 25 -21.74 -0.94 29.18
N ALA A 26 -20.94 -1.07 30.24
CA ALA A 26 -21.43 -1.75 31.44
C ALA A 26 -22.63 -1.03 32.03
N PHE A 27 -22.70 0.29 31.87
CA PHE A 27 -23.89 1.02 32.31
C PHE A 27 -25.07 0.80 31.37
N GLY A 28 -24.81 0.41 30.13
CA GLY A 28 -25.86 0.25 29.14
C GLY A 28 -26.07 1.45 28.24
N TRP A 29 -25.04 2.27 28.01
CA TRP A 29 -25.14 3.50 27.24
C TRP A 29 -24.66 3.20 25.82
N ASP A 30 -25.59 2.76 24.97
CA ASP A 30 -25.26 2.41 23.59
C ASP A 30 -25.05 3.63 22.71
N TRP A 31 -25.53 4.80 23.13
CA TRP A 31 -25.40 6.01 22.33
C TRP A 31 -23.97 6.52 22.26
N ILE A 32 -23.04 5.93 23.03
CA ILE A 32 -21.63 6.31 22.99
C ILE A 32 -20.92 5.33 22.05
N ILE A 33 -20.32 5.87 20.99
CA ILE A 33 -19.62 5.03 20.02
C ILE A 33 -18.17 4.81 20.43
N ALA A 34 -17.48 5.87 20.85
CA ALA A 34 -16.10 5.76 21.27
C ALA A 34 -15.84 6.83 22.32
N PRO A 35 -15.17 6.49 23.44
CA PRO A 35 -14.69 5.15 23.81
C PRO A 35 -15.73 4.33 24.56
N LYS A 36 -15.93 3.08 24.16
CA LYS A 36 -16.80 2.18 24.93
C LYS A 36 -16.32 2.03 26.36
N ARG A 37 -15.04 2.30 26.62
CA ARG A 37 -14.46 2.21 27.95
C ARG A 37 -13.17 3.02 27.94
N TYR A 38 -12.92 3.76 29.02
CA TYR A 38 -11.77 4.66 29.06
C TYR A 38 -11.18 4.69 30.47
N LYS A 39 -10.08 5.43 30.59
CA LYS A 39 -9.24 5.44 31.77
C LYS A 39 -9.58 6.66 32.62
N ALA A 40 -10.06 6.42 33.84
CA ALA A 40 -10.53 7.47 34.72
C ALA A 40 -9.63 7.69 35.93
N ASN A 41 -9.24 6.62 36.62
CA ASN A 41 -8.37 6.72 37.80
C ASN A 41 -9.13 7.32 38.98
N TYR A 42 -8.57 7.22 40.18
CA TYR A 42 -9.19 7.78 41.37
C TYR A 42 -8.13 7.98 42.44
N CYS A 43 -8.35 8.99 43.28
CA CYS A 43 -7.38 9.33 44.32
C CYS A 43 -7.74 8.64 45.63
N SER A 44 -6.71 8.26 46.38
CA SER A 44 -6.94 7.66 47.70
C SER A 44 -5.69 7.82 48.55
N GLY A 45 -5.92 7.98 49.85
CA GLY A 45 -4.82 8.07 50.81
C GLY A 45 -5.05 9.10 51.89
N GLN A 46 -4.09 9.22 52.81
CA GLN A 46 -4.13 10.21 53.87
C GLN A 46 -3.17 11.36 53.56
N CYS A 47 -3.41 12.49 54.22
CA CYS A 47 -2.64 13.71 54.01
C CYS A 47 -2.12 14.18 55.36
N GLU A 48 -0.82 14.02 55.57
CA GLU A 48 -0.21 14.31 56.86
C GLU A 48 1.14 14.96 56.70
N TYR A 49 1.43 15.93 57.57
CA TYR A 49 2.77 16.49 57.79
C TYR A 49 3.39 17.03 56.52
N MET A 50 2.77 18.10 56.00
CA MET A 50 3.38 18.88 54.92
C MET A 50 3.77 17.98 53.75
N PHE A 51 2.77 17.30 53.20
CA PHE A 51 2.98 16.34 52.11
C PHE A 51 2.17 16.79 50.92
N MET A 52 2.86 17.18 49.84
CA MET A 52 2.21 17.59 48.59
C MET A 52 1.21 18.71 48.83
N GLN A 53 1.48 19.57 49.81
CA GLN A 53 0.59 20.68 50.13
C GLN A 53 0.59 21.65 48.95
N LYS A 54 -0.46 21.60 48.14
CA LYS A 54 -0.56 22.51 47.01
C LYS A 54 -0.70 23.96 47.48
N TYR A 55 -1.26 24.18 48.67
CA TYR A 55 -1.50 25.52 49.18
C TYR A 55 -1.09 25.62 50.64
N PRO A 56 -0.44 26.72 51.04
CA PRO A 56 -0.02 26.84 52.46
C PRO A 56 -1.17 26.73 53.43
N HIS A 57 -2.39 27.11 53.02
CA HIS A 57 -3.53 27.07 53.92
C HIS A 57 -3.70 25.71 54.55
N THR A 58 -3.36 24.64 53.83
CA THR A 58 -3.51 23.30 54.38
C THR A 58 -2.61 23.11 55.60
N HIS A 59 -1.31 23.35 55.43
CA HIS A 59 -0.38 23.23 56.55
C HIS A 59 -0.76 24.17 57.69
N LEU A 60 -1.17 25.40 57.36
CA LEU A 60 -1.46 26.37 58.40
C LEU A 60 -2.74 26.03 59.15
N VAL A 61 -3.71 25.40 58.50
CA VAL A 61 -4.91 24.96 59.20
C VAL A 61 -4.71 23.64 59.91
N GLN A 62 -3.68 22.87 59.54
CA GLN A 62 -3.38 21.66 60.29
C GLN A 62 -2.64 22.01 61.58
N GLN A 63 -1.55 22.77 61.47
CA GLN A 63 -0.92 23.31 62.67
C GLN A 63 -1.86 24.24 63.42
N ALA A 64 -2.87 24.80 62.73
CA ALA A 64 -3.89 25.59 63.40
C ALA A 64 -4.56 24.79 64.50
N ASN A 65 -4.75 23.49 64.26
CA ASN A 65 -5.58 22.65 65.11
C ASN A 65 -4.77 21.59 65.84
N PRO A 66 -5.31 21.06 66.94
CA PRO A 66 -4.61 20.00 67.67
C PRO A 66 -5.36 18.69 67.55
N ARG A 67 -5.22 18.02 66.41
CA ARG A 67 -6.05 16.86 66.07
C ARG A 67 -7.53 17.18 66.25
N GLY A 68 -7.96 18.29 65.65
CA GLY A 68 -9.37 18.56 65.50
C GLY A 68 -9.94 17.60 64.47
N SER A 69 -11.10 17.94 63.87
CA SER A 69 -11.86 16.98 63.07
C SER A 69 -11.46 16.95 61.60
N ALA A 70 -11.43 18.11 60.95
CA ALA A 70 -11.33 18.17 59.49
C ALA A 70 -9.87 18.33 59.08
N GLY A 71 -9.18 17.21 58.96
CA GLY A 71 -7.86 17.19 58.37
C GLY A 71 -7.94 17.26 56.86
N PRO A 72 -6.77 17.34 56.23
CA PRO A 72 -6.74 17.40 54.76
C PRO A 72 -7.13 16.06 54.15
N CYS A 73 -7.68 16.13 52.94
CA CYS A 73 -8.11 14.96 52.20
C CYS A 73 -7.39 14.90 50.85
N CYS A 74 -7.54 13.77 50.17
CA CYS A 74 -6.86 13.52 48.91
C CYS A 74 -7.80 13.87 47.76
N THR A 75 -7.54 15.01 47.12
CA THR A 75 -8.35 15.43 45.98
C THR A 75 -7.49 15.49 44.73
N PRO A 76 -8.06 15.20 43.56
CA PRO A 76 -7.28 15.35 42.32
C PRO A 76 -6.92 16.81 42.09
N THR A 77 -5.72 17.03 41.54
CA THR A 77 -5.18 18.37 41.37
C THR A 77 -4.88 18.71 39.91
N LYS A 78 -5.23 17.83 38.97
CA LYS A 78 -4.99 18.10 37.56
C LYS A 78 -5.98 17.28 36.74
N MET A 79 -6.59 17.91 35.76
CA MET A 79 -7.59 17.27 34.90
C MET A 79 -7.17 17.41 33.45
N SER A 80 -7.60 16.45 32.63
CA SER A 80 -7.31 16.45 31.20
C SER A 80 -8.54 16.00 30.44
N PRO A 81 -8.69 16.44 29.20
CA PRO A 81 -9.90 16.11 28.43
C PRO A 81 -9.74 14.79 27.67
N ILE A 82 -10.88 14.31 27.17
CA ILE A 82 -10.91 13.15 26.29
C ILE A 82 -11.94 13.40 25.20
N ASN A 83 -11.76 12.76 24.05
CA ASN A 83 -12.66 12.95 22.94
C ASN A 83 -13.79 11.92 22.98
N MET A 84 -14.87 12.25 22.27
CA MET A 84 -16.07 11.43 22.27
C MET A 84 -16.74 11.54 20.90
N LEU A 85 -17.22 10.40 20.41
CA LEU A 85 -17.99 10.32 19.16
C LEU A 85 -19.32 9.67 19.52
N TYR A 86 -20.41 10.44 19.46
CA TYR A 86 -21.67 9.96 19.99
C TYR A 86 -22.84 10.48 19.15
N PHE A 87 -24.03 10.04 19.51
CA PHE A 87 -25.28 10.57 18.98
C PHE A 87 -25.85 11.59 19.97
N ASN A 88 -26.52 12.61 19.44
CA ASN A 88 -27.18 13.59 20.28
C ASN A 88 -28.69 13.33 20.26
N ASP A 89 -29.48 14.32 20.71
CA ASP A 89 -30.91 14.11 20.87
C ASP A 89 -31.57 13.72 19.55
N LYS A 90 -31.41 14.56 18.52
CA LYS A 90 -31.97 14.27 17.21
C LYS A 90 -31.17 13.21 16.44
N GLN A 91 -30.26 12.52 17.11
CA GLN A 91 -29.48 11.44 16.50
C GLN A 91 -28.55 11.97 15.40
N GLN A 92 -27.93 13.12 15.66
CA GLN A 92 -26.89 13.65 14.79
C GLN A 92 -25.52 13.30 15.38
N ILE A 93 -24.57 12.99 14.51
CA ILE A 93 -23.26 12.55 14.95
C ILE A 93 -22.48 13.75 15.49
N ILE A 94 -21.92 13.60 16.69
CA ILE A 94 -21.19 14.68 17.36
C ILE A 94 -19.82 14.17 17.76
N TYR A 95 -18.78 14.91 17.38
CA TYR A 95 -17.41 14.72 17.84
C TYR A 95 -17.09 15.87 18.80
N GLY A 96 -16.77 15.52 20.05
CA GLY A 96 -16.57 16.52 21.07
C GLY A 96 -15.34 16.24 21.91
N LYS A 97 -14.87 17.29 22.56
CA LYS A 97 -13.76 17.23 23.50
C LYS A 97 -14.30 17.62 24.88
N ILE A 98 -14.23 16.70 25.82
CA ILE A 98 -14.82 16.88 27.16
C ILE A 98 -13.68 17.01 28.15
N PRO A 99 -13.50 18.17 28.79
CA PRO A 99 -12.52 18.29 29.86
C PRO A 99 -13.08 17.81 31.19
N GLY A 100 -12.17 17.56 32.13
CA GLY A 100 -12.55 17.10 33.44
C GLY A 100 -13.09 15.69 33.46
N MET A 101 -12.30 14.75 32.96
CA MET A 101 -12.71 13.35 32.94
C MET A 101 -11.66 12.42 33.54
N VAL A 102 -10.37 12.69 33.32
CA VAL A 102 -9.29 11.88 33.84
C VAL A 102 -8.46 12.72 34.79
N VAL A 103 -8.11 12.15 35.93
CA VAL A 103 -7.25 12.81 36.91
C VAL A 103 -5.80 12.48 36.58
N ASP A 104 -4.92 13.48 36.72
CA ASP A 104 -3.51 13.31 36.41
C ASP A 104 -2.62 13.33 37.63
N ARG A 105 -3.04 14.00 38.71
CA ARG A 105 -2.30 14.02 39.96
C ARG A 105 -3.29 14.01 41.12
N CYS A 106 -2.79 13.61 42.28
CA CYS A 106 -3.54 13.70 43.53
C CYS A 106 -2.77 14.58 44.51
N GLY A 107 -3.50 15.36 45.31
CA GLY A 107 -2.89 16.27 46.25
C GLY A 107 -3.75 16.47 47.48
N CYS A 108 -3.32 17.38 48.35
CA CYS A 108 -3.89 17.52 49.68
C CYS A 108 -4.37 18.94 49.91
N SER A 109 -5.51 19.06 50.59
CA SER A 109 -6.03 20.36 50.99
C SER A 109 -7.13 20.19 52.04
N GLU B 7 4.57 16.49 22.07
CA GLU B 7 4.64 15.89 20.74
C GLU B 7 3.66 16.57 19.79
N THR B 8 3.87 16.37 18.49
CA THR B 8 3.04 16.95 17.45
C THR B 8 2.53 15.83 16.55
N ARG B 9 1.27 15.94 16.13
CA ARG B 9 0.61 14.86 15.40
C ARG B 9 -0.23 15.41 14.27
N GLU B 10 -0.03 14.87 13.07
CA GLU B 10 -0.81 15.22 11.90
C GLU B 10 -1.63 14.01 11.48
N CYS B 11 -2.95 14.18 11.43
CA CYS B 11 -3.86 13.13 11.04
C CYS B 11 -4.61 13.52 9.78
N ILE B 12 -5.23 12.53 9.16
CA ILE B 12 -6.18 12.78 8.07
C ILE B 12 -7.51 13.22 8.68
N TYR B 13 -8.00 14.37 8.26
CA TYR B 13 -9.23 14.95 8.77
C TYR B 13 -10.33 14.81 7.72
N TYR B 14 -11.48 14.27 8.13
CA TYR B 14 -12.65 14.17 7.28
C TYR B 14 -13.88 14.46 8.11
N ASN B 15 -14.83 15.19 7.52
CA ASN B 15 -16.07 15.55 8.20
C ASN B 15 -17.22 15.34 7.24
N ALA B 16 -18.15 14.45 7.60
CA ALA B 16 -19.30 14.20 6.75
C ALA B 16 -20.32 15.34 6.82
N ASN B 17 -20.59 15.83 8.03
CA ASN B 17 -21.49 16.97 8.22
C ASN B 17 -20.70 18.28 8.11
N TRP B 18 -20.04 18.43 6.96
CA TRP B 18 -19.14 19.57 6.73
C TRP B 18 -19.87 20.80 6.20
N GLU B 19 -21.05 20.64 5.61
CA GLU B 19 -21.79 21.79 5.11
C GLU B 19 -22.50 22.52 6.23
N LEU B 20 -23.28 21.79 7.05
CA LEU B 20 -23.93 22.42 8.19
C LEU B 20 -22.91 23.03 9.14
N GLU B 21 -21.82 22.31 9.42
CA GLU B 21 -20.77 22.79 10.30
C GLU B 21 -19.82 23.76 9.60
N ARG B 22 -19.91 23.89 8.28
CA ARG B 22 -19.15 24.88 7.52
C ARG B 22 -17.64 24.69 7.74
N THR B 23 -17.13 23.60 7.15
CA THR B 23 -15.73 23.27 7.23
C THR B 23 -15.32 22.55 5.94
N ASN B 24 -14.04 22.22 5.84
CA ASN B 24 -13.54 21.47 4.70
C ASN B 24 -14.04 20.03 4.77
N GLN B 25 -14.32 19.45 3.60
CA GLN B 25 -14.79 18.07 3.56
C GLN B 25 -13.67 17.11 3.92
N SER B 26 -12.50 17.28 3.34
CA SER B 26 -11.36 16.40 3.58
C SER B 26 -10.08 17.21 3.63
N GLY B 27 -9.06 16.61 4.25
CA GLY B 27 -7.76 17.24 4.30
C GLY B 27 -6.87 16.53 5.31
N LEU B 28 -5.80 17.22 5.71
CA LEU B 28 -4.94 16.74 6.79
C LEU B 28 -4.74 17.86 7.79
N GLU B 29 -4.94 17.56 9.06
CA GLU B 29 -4.82 18.55 10.12
C GLU B 29 -3.65 18.20 11.03
N ARG B 30 -3.12 19.22 11.69
CA ARG B 30 -2.06 19.06 12.68
C ARG B 30 -2.59 19.59 14.01
N CYS B 31 -2.59 18.73 15.04
CA CYS B 31 -3.16 19.08 16.34
C CYS B 31 -2.05 19.09 17.37
N GLU B 32 -1.66 20.28 17.81
CA GLU B 32 -0.67 20.40 18.87
C GLU B 32 -1.16 19.69 20.13
N GLY B 33 -0.23 19.04 20.84
CA GLY B 33 -0.56 18.25 21.99
C GLY B 33 0.01 18.82 23.28
N GLU B 34 -0.09 18.02 24.33
CA GLU B 34 0.49 18.33 25.63
C GLU B 34 1.79 17.57 25.80
N GLN B 35 2.80 18.24 26.36
CA GLN B 35 4.08 17.59 26.59
C GLN B 35 3.99 16.47 27.63
N ASP B 36 2.87 16.32 28.31
CA ASP B 36 2.71 15.30 29.34
C ASP B 36 1.95 14.07 28.85
N LYS B 37 1.22 14.18 27.75
CA LYS B 37 0.41 13.06 27.26
C LYS B 37 0.72 12.76 25.80
N ARG B 38 -0.15 11.97 25.15
CA ARG B 38 0.10 11.47 23.80
C ARG B 38 -1.13 11.70 22.93
N LEU B 39 -0.91 11.78 21.62
CA LEU B 39 -1.96 12.02 20.65
C LEU B 39 -2.19 10.80 19.78
N HIS B 40 -3.39 10.71 19.22
CA HIS B 40 -3.77 9.60 18.35
C HIS B 40 -4.52 10.15 17.14
N CYS B 41 -4.76 9.27 16.16
CA CYS B 41 -5.66 9.56 15.06
C CYS B 41 -6.83 8.57 15.11
N TYR B 42 -7.96 8.98 14.51
CA TYR B 42 -9.16 8.17 14.56
C TYR B 42 -9.95 8.32 13.26
N ALA B 43 -10.75 7.30 12.96
CA ALA B 43 -11.64 7.29 11.81
C ALA B 43 -12.92 6.55 12.17
N SER B 44 -14.01 6.92 11.52
CA SER B 44 -15.33 6.34 11.78
C SER B 44 -16.11 6.31 10.49
N TRP B 45 -16.75 5.17 10.23
CA TRP B 45 -17.41 4.87 8.96
C TRP B 45 -18.55 3.89 9.19
N ARG B 46 -19.46 3.82 8.22
CA ARG B 46 -20.57 2.87 8.26
C ARG B 46 -20.35 1.79 7.19
N ASN B 47 -20.39 0.52 7.60
CA ASN B 47 -20.18 -0.58 6.66
C ASN B 47 -21.40 -0.79 5.78
N SER B 48 -22.47 -1.36 6.36
CA SER B 48 -23.75 -1.53 5.67
C SER B 48 -23.58 -2.29 4.36
N SER B 49 -23.25 -3.58 4.50
CA SER B 49 -23.24 -4.53 3.40
C SER B 49 -22.17 -4.18 2.36
N GLY B 50 -20.94 -4.01 2.82
CA GLY B 50 -19.81 -3.86 1.94
C GLY B 50 -19.66 -2.52 1.26
N THR B 51 -20.66 -1.65 1.33
CA THR B 51 -20.60 -0.32 0.72
C THR B 51 -20.23 0.68 1.82
N ILE B 52 -18.99 1.16 1.78
CA ILE B 52 -18.43 1.93 2.88
C ILE B 52 -18.74 3.40 2.69
N GLU B 53 -19.23 4.04 3.75
CA GLU B 53 -19.54 5.46 3.78
C GLU B 53 -18.79 6.10 4.94
N LEU B 54 -18.04 7.15 4.64
CA LEU B 54 -17.23 7.81 5.66
C LEU B 54 -18.10 8.65 6.58
N VAL B 55 -17.60 8.83 7.82
CA VAL B 55 -18.25 9.69 8.80
C VAL B 55 -17.26 10.76 9.23
N LYS B 56 -16.28 10.38 10.04
CA LYS B 56 -15.37 11.38 10.59
C LYS B 56 -13.97 10.83 10.76
N LYS B 57 -12.98 11.57 10.26
CA LYS B 57 -11.57 11.29 10.48
C LYS B 57 -10.93 12.50 11.15
N GLY B 58 -9.92 12.25 11.98
CA GLY B 58 -9.18 13.37 12.52
C GLY B 58 -8.34 12.97 13.73
N CYS B 59 -8.05 13.96 14.56
CA CYS B 59 -7.24 13.76 15.76
C CYS B 59 -8.10 13.20 16.88
N TRP B 60 -7.43 12.51 17.81
CA TRP B 60 -8.11 11.87 18.94
C TRP B 60 -7.16 11.94 20.12
N LEU B 61 -7.53 12.70 21.15
CA LEU B 61 -6.65 12.92 22.29
C LEU B 61 -6.33 11.62 22.99
N ASP B 62 -5.48 11.67 24.02
CA ASP B 62 -5.03 10.46 24.68
C ASP B 62 -6.21 9.57 25.06
N ASP B 63 -6.02 8.27 24.87
CA ASP B 63 -7.05 7.29 25.18
C ASP B 63 -6.36 5.94 25.37
N PHE B 64 -6.71 5.25 26.45
CA PHE B 64 -6.01 4.02 26.80
C PHE B 64 -6.26 2.90 25.81
N ASN B 65 -7.21 3.04 24.89
CA ASN B 65 -7.53 1.95 23.97
C ASN B 65 -6.69 1.97 22.69
N CYS B 66 -6.23 3.14 22.26
CA CYS B 66 -5.45 3.27 21.05
C CYS B 66 -3.96 3.11 21.28
N TYR B 67 -3.55 2.69 22.48
CA TYR B 67 -2.13 2.55 22.78
C TYR B 67 -1.49 1.48 21.90
N ASP B 68 -0.36 1.84 21.29
CA ASP B 68 0.47 0.90 20.54
C ASP B 68 -0.35 0.20 19.45
N ARG B 69 -0.80 1.00 18.49
CA ARG B 69 -1.58 0.50 17.36
C ARG B 69 -1.20 1.33 16.13
N GLN B 70 -0.40 0.74 15.24
CA GLN B 70 -0.04 1.39 14.00
C GLN B 70 -1.12 1.24 12.93
N GLU B 71 -2.09 0.36 13.14
CA GLU B 71 -3.17 0.13 12.19
C GLU B 71 -4.50 0.57 12.79
N CYS B 72 -5.42 0.98 11.93
CA CYS B 72 -6.77 1.38 12.33
C CYS B 72 -7.71 0.24 11.97
N VAL B 73 -8.02 -0.60 12.96
CA VAL B 73 -8.85 -1.78 12.76
C VAL B 73 -9.98 -1.74 13.79
N ALA B 74 -11.22 -1.79 13.29
CA ALA B 74 -12.39 -1.81 14.16
C ALA B 74 -12.46 -3.17 14.86
N THR B 75 -12.40 -3.16 16.19
CA THR B 75 -12.46 -4.38 16.97
C THR B 75 -13.86 -4.71 17.46
N GLU B 76 -14.80 -3.77 17.36
CA GLU B 76 -16.15 -4.00 17.84
C GLU B 76 -16.78 -5.20 17.13
N GLU B 77 -17.81 -5.77 17.76
CA GLU B 77 -18.47 -6.97 17.27
C GLU B 77 -19.74 -6.56 16.53
N ASN B 78 -19.56 -6.16 15.28
CA ASN B 78 -20.66 -5.86 14.37
C ASN B 78 -21.58 -4.77 14.94
N PRO B 79 -21.07 -3.54 15.13
CA PRO B 79 -21.94 -2.46 15.57
C PRO B 79 -22.57 -1.70 14.41
N GLN B 80 -23.39 -0.70 14.71
CA GLN B 80 -23.99 0.11 13.65
C GLN B 80 -22.92 0.97 12.98
N VAL B 81 -22.18 1.76 13.76
CA VAL B 81 -21.16 2.66 13.24
C VAL B 81 -19.80 2.13 13.67
N TYR B 82 -18.94 1.86 12.69
CA TYR B 82 -17.60 1.36 12.96
C TYR B 82 -16.67 2.51 13.32
N PHE B 83 -15.79 2.27 14.30
CA PHE B 83 -14.83 3.25 14.78
C PHE B 83 -13.49 2.57 14.97
N CYS B 84 -12.41 3.30 14.69
CA CYS B 84 -11.07 2.80 14.97
C CYS B 84 -10.15 3.99 15.23
N CYS B 85 -9.03 3.70 15.88
CA CYS B 85 -8.00 4.70 16.15
C CYS B 85 -6.64 4.04 16.05
N CYS B 86 -5.59 4.84 16.22
CA CYS B 86 -4.23 4.34 16.09
C CYS B 86 -3.26 5.45 16.49
N GLU B 87 -1.99 5.06 16.59
CA GLU B 87 -0.90 5.97 16.95
C GLU B 87 0.00 6.21 15.75
N GLY B 88 0.77 7.29 15.83
CA GLY B 88 1.66 7.66 14.75
C GLY B 88 1.00 8.56 13.72
N ASN B 89 1.81 9.37 13.07
CA ASN B 89 1.33 10.28 12.03
C ASN B 89 0.58 9.53 10.93
N PHE B 90 -0.62 10.02 10.60
CA PHE B 90 -1.41 9.59 9.45
C PHE B 90 -1.89 8.15 9.56
N CYS B 91 -1.93 7.56 10.75
CA CYS B 91 -2.25 6.15 10.76
C CYS B 91 -3.72 5.88 10.49
N ASN B 92 -4.54 6.93 10.33
CA ASN B 92 -5.92 6.78 9.90
C ASN B 92 -6.07 6.89 8.38
N GLU B 93 -4.96 6.86 7.65
CA GLU B 93 -5.03 6.86 6.20
C GLU B 93 -5.78 5.66 5.66
N ARG B 94 -5.72 4.54 6.39
CA ARG B 94 -6.37 3.30 6.00
C ARG B 94 -7.18 2.78 7.18
N PHE B 95 -8.06 1.81 6.90
CA PHE B 95 -8.80 1.18 7.97
C PHE B 95 -9.51 -0.05 7.43
N THR B 96 -9.71 -1.03 8.31
CA THR B 96 -10.44 -2.25 8.00
C THR B 96 -11.20 -2.68 9.24
N HIS B 97 -12.02 -3.72 9.09
CA HIS B 97 -12.81 -4.26 10.18
C HIS B 97 -12.33 -5.67 10.51
N LEU B 98 -12.00 -5.90 11.77
CA LEU B 98 -11.49 -7.19 12.22
C LEU B 98 -11.85 -7.35 13.70
N PRO B 99 -12.93 -8.07 14.01
CA PRO B 99 -13.36 -8.15 15.40
C PRO B 99 -12.31 -8.79 16.30
N GLU B 100 -12.49 -8.57 17.60
CA GLU B 100 -11.58 -9.10 18.61
C GLU B 100 -12.15 -10.37 19.22
N ALA B 101 -11.24 -11.26 19.61
CA ALA B 101 -11.62 -12.55 20.19
C ALA B 101 -11.72 -12.52 21.71
N GLY B 102 -11.32 -11.42 22.34
CA GLY B 102 -11.38 -11.31 23.79
C GLY B 102 -12.56 -10.49 24.26
N ALA B 141 -32.94 31.83 31.08
CA ALA B 141 -33.96 31.45 30.11
C ALA B 141 -35.17 30.84 30.82
N LEU B 142 -35.08 29.55 31.11
CA LEU B 142 -36.16 28.83 31.78
C LEU B 142 -36.07 29.02 33.30
N LEU B 143 -37.14 28.62 33.98
CA LEU B 143 -37.21 28.71 35.44
C LEU B 143 -37.86 27.46 35.98
N CYS B 144 -37.36 26.99 37.12
CA CYS B 144 -37.89 25.79 37.75
C CYS B 144 -37.79 25.96 39.27
N ALA B 145 -37.96 24.86 39.98
CA ALA B 145 -37.88 24.84 41.44
C ALA B 145 -36.67 24.01 41.86
N CYS B 146 -35.78 24.61 42.64
CA CYS B 146 -34.65 23.90 43.24
C CYS B 146 -34.90 23.75 44.73
N THR B 147 -34.77 22.51 45.23
CA THR B 147 -35.17 22.18 46.58
C THR B 147 -34.34 22.89 47.65
N SER B 148 -33.27 23.59 47.28
CA SER B 148 -32.46 24.32 48.23
C SER B 148 -32.40 25.81 47.87
N CYS B 149 -33.50 26.34 47.34
CA CYS B 149 -33.60 27.74 46.94
C CYS B 149 -34.79 28.41 47.58
N LEU B 150 -35.17 27.98 48.79
CA LEU B 150 -36.34 28.57 49.45
C LEU B 150 -36.24 30.09 49.55
N GLN B 151 -35.02 30.64 49.43
CA GLN B 151 -34.86 32.09 49.51
C GLN B 151 -35.70 32.81 48.48
N ALA B 152 -36.04 32.15 47.37
CA ALA B 152 -36.81 32.76 46.29
C ALA B 152 -37.89 31.77 45.84
N ASN B 153 -38.86 31.52 46.73
CA ASN B 153 -40.00 30.65 46.43
C ASN B 153 -39.55 29.29 45.91
N TYR B 154 -38.37 28.85 46.31
CA TYR B 154 -37.77 27.62 45.78
C TYR B 154 -37.77 27.65 44.25
N THR B 155 -36.97 28.57 43.70
CA THR B 155 -36.94 28.78 42.26
C THR B 155 -35.51 29.04 41.80
N CYS B 156 -35.36 29.19 40.49
CA CYS B 156 -34.07 29.37 39.84
C CYS B 156 -34.29 30.12 38.54
N GLU B 157 -33.24 30.22 37.72
CA GLU B 157 -33.36 30.74 36.37
C GLU B 157 -32.09 30.45 35.58
N THR B 158 -31.87 29.20 35.24
CA THR B 158 -30.69 28.79 34.48
C THR B 158 -30.98 28.79 32.99
N ASP B 159 -29.93 28.98 32.20
CA ASP B 159 -30.05 28.87 30.75
C ASP B 159 -29.98 27.42 30.28
N GLY B 160 -29.46 26.52 31.10
CA GLY B 160 -29.35 25.12 30.73
C GLY B 160 -30.64 24.35 30.90
N ALA B 161 -30.81 23.69 32.03
CA ALA B 161 -32.00 22.87 32.24
C ALA B 161 -32.23 22.69 33.74
N CYS B 162 -33.20 21.86 34.08
CA CYS B 162 -33.49 21.56 35.48
C CYS B 162 -33.78 20.07 35.62
N MET B 163 -33.44 19.53 36.79
CA MET B 163 -33.50 18.10 37.06
C MET B 163 -34.29 17.84 38.33
N VAL B 164 -34.85 16.63 38.42
CA VAL B 164 -35.46 16.13 39.64
C VAL B 164 -35.20 14.62 39.71
N SER B 165 -34.95 14.12 40.92
CA SER B 165 -34.60 12.72 41.12
C SER B 165 -34.49 12.43 42.62
N ILE B 166 -34.49 11.13 42.94
CA ILE B 166 -34.16 10.60 44.27
C ILE B 166 -34.18 9.07 44.29
N PHE B 167 -34.03 8.50 45.48
CA PHE B 167 -34.01 7.05 45.70
C PHE B 167 -34.33 6.81 47.17
N ASN B 168 -34.49 5.53 47.52
CA ASN B 168 -34.73 5.13 48.90
C ASN B 168 -33.43 5.21 49.69
N LEU B 169 -33.39 6.10 50.68
CA LEU B 169 -32.20 6.26 51.51
C LEU B 169 -32.60 7.00 52.78
N ASP B 170 -31.70 6.98 53.76
CA ASP B 170 -31.96 7.54 55.09
C ASP B 170 -33.18 6.89 55.71
N GLY B 171 -33.44 5.64 55.34
CA GLY B 171 -34.62 4.94 55.79
C GLY B 171 -35.67 4.83 54.69
N MET B 172 -36.45 5.90 54.49
CA MET B 172 -37.64 5.87 53.63
C MET B 172 -37.39 6.36 52.21
N GLU B 173 -37.58 7.65 51.96
CA GLU B 173 -37.31 8.22 50.64
C GLU B 173 -36.85 9.66 50.81
N HIS B 174 -36.56 10.31 49.69
CA HIS B 174 -36.09 11.68 49.69
C HIS B 174 -36.85 12.44 48.61
N HIS B 175 -36.31 13.61 48.22
CA HIS B 175 -36.77 14.37 47.06
C HIS B 175 -35.71 15.41 46.71
N VAL B 176 -35.28 15.45 45.44
CA VAL B 176 -34.28 16.45 45.03
C VAL B 176 -34.72 17.07 43.71
N ALA B 177 -34.75 18.41 43.66
CA ALA B 177 -34.92 19.18 42.44
C ALA B 177 -33.86 20.27 42.39
N THR B 178 -33.43 20.61 41.18
CA THR B 178 -32.39 21.62 41.02
C THR B 178 -32.39 22.13 39.58
N CYS B 179 -31.54 23.12 39.33
CA CYS B 179 -31.38 23.70 37.99
C CYS B 179 -29.90 23.95 37.76
N ILE B 180 -29.43 23.64 36.55
CA ILE B 180 -28.00 23.84 36.24
C ILE B 180 -27.84 24.52 34.89
N PRO B 181 -26.79 25.34 34.71
CA PRO B 181 -26.66 26.13 33.48
C PRO B 181 -26.40 25.31 32.23
N LYS B 182 -26.26 26.02 31.11
CA LYS B 182 -25.96 25.38 29.83
C LYS B 182 -24.54 24.83 29.80
N VAL B 183 -23.60 25.52 30.46
CA VAL B 183 -22.21 25.09 30.43
C VAL B 183 -22.06 23.71 31.07
N GLU B 184 -22.64 23.53 32.27
CA GLU B 184 -22.45 22.27 32.99
C GLU B 184 -23.10 21.09 32.27
N LEU B 185 -23.97 21.35 31.31
CA LEU B 185 -24.59 20.28 30.52
C LEU B 185 -23.54 19.72 29.56
N VAL B 186 -23.02 18.53 29.87
CA VAL B 186 -21.98 17.90 29.07
C VAL B 186 -22.22 16.40 29.03
N PRO B 187 -22.09 15.74 27.86
CA PRO B 187 -21.82 16.34 26.54
C PRO B 187 -22.97 17.18 26.02
N ALA B 188 -22.71 17.98 24.98
CA ALA B 188 -23.72 18.86 24.42
C ALA B 188 -25.03 18.11 24.19
N GLY B 189 -24.99 17.06 23.38
CA GLY B 189 -26.19 16.31 23.04
C GLY B 189 -26.88 15.69 24.23
N LYS B 190 -26.20 14.77 24.92
CA LYS B 190 -26.77 13.99 26.02
C LYS B 190 -26.04 14.31 27.32
N PRO B 191 -26.44 15.35 28.04
CA PRO B 191 -25.88 15.59 29.38
C PRO B 191 -26.12 14.42 30.30
N PHE B 192 -25.03 13.84 30.81
CA PHE B 192 -25.13 12.68 31.70
C PHE B 192 -26.02 12.99 32.90
N TYR B 193 -25.88 14.19 33.48
CA TYR B 193 -26.67 14.56 34.64
C TYR B 193 -28.15 14.23 34.47
N CYS B 194 -28.61 14.11 33.23
CA CYS B 194 -29.98 13.77 32.91
C CYS B 194 -30.20 12.27 32.74
N LEU B 195 -29.19 11.46 33.04
CA LEU B 195 -29.26 10.01 32.92
C LEU B 195 -29.23 9.37 34.31
N SER B 196 -29.76 8.15 34.39
CA SER B 196 -29.90 7.46 35.66
C SER B 196 -29.45 6.01 35.50
N SER B 197 -29.81 5.19 36.48
CA SER B 197 -29.59 3.75 36.43
C SER B 197 -30.90 3.06 36.81
N GLU B 198 -31.34 2.11 35.97
CA GLU B 198 -32.63 1.48 36.16
C GLU B 198 -32.81 0.93 37.57
N ASP B 199 -31.72 0.50 38.21
CA ASP B 199 -31.85 -0.34 39.39
C ASP B 199 -32.36 0.42 40.61
N LEU B 200 -32.02 1.69 40.75
CA LEU B 200 -32.47 2.47 41.90
C LEU B 200 -32.86 3.89 41.48
N ARG B 201 -31.93 4.82 41.58
CA ARG B 201 -32.17 6.21 41.24
C ARG B 201 -32.80 6.31 39.84
N ASN B 202 -33.77 7.22 39.72
CA ASN B 202 -34.28 7.64 38.42
C ASN B 202 -33.83 9.07 38.18
N THR B 203 -33.89 9.51 36.93
CA THR B 203 -33.50 10.87 36.61
C THR B 203 -34.28 11.37 35.41
N HIS B 204 -34.50 12.68 35.40
CA HIS B 204 -35.17 13.36 34.29
C HIS B 204 -34.71 14.80 34.28
N CYS B 205 -34.30 15.29 33.11
CA CYS B 205 -34.11 16.71 32.89
C CYS B 205 -35.30 17.24 32.10
N CYS B 206 -35.47 18.56 32.13
CA CYS B 206 -36.51 19.14 31.32
C CYS B 206 -36.25 20.63 31.15
N TYR B 207 -36.86 21.19 30.12
CA TYR B 207 -36.65 22.57 29.72
C TYR B 207 -37.80 23.49 30.08
N THR B 208 -39.03 22.98 30.08
CA THR B 208 -40.19 23.83 30.29
C THR B 208 -40.18 24.42 31.71
N ASP B 209 -40.93 25.51 31.85
CA ASP B 209 -41.02 26.18 33.15
C ASP B 209 -41.74 25.29 34.16
N TYR B 210 -41.01 24.92 35.21
CA TYR B 210 -41.59 24.26 36.39
C TYR B 210 -42.02 22.83 36.09
N CYS B 211 -41.20 22.10 35.36
CA CYS B 211 -41.49 20.73 34.97
C CYS B 211 -40.87 19.70 35.89
N ASN B 212 -40.00 20.13 36.81
CA ASN B 212 -39.23 19.23 37.67
C ASN B 212 -39.82 19.25 39.07
N ARG B 213 -40.93 18.53 39.23
CA ARG B 213 -41.80 18.70 40.39
C ARG B 213 -41.97 17.42 41.19
N ILE B 214 -42.69 16.42 40.66
CA ILE B 214 -43.14 15.30 41.47
C ILE B 214 -43.12 14.03 40.61
N ASP B 215 -42.85 12.91 41.27
CA ASP B 215 -42.79 11.62 40.58
C ASP B 215 -44.09 10.84 40.82
N GLN C 1 -6.97 -10.52 0.63
CA GLN C 1 -6.19 -9.27 0.85
C GLN C 1 -6.33 -8.36 -0.37
N LEU C 2 -5.82 -7.14 -0.26
CA LEU C 2 -6.05 -6.15 -1.31
C LEU C 2 -5.41 -6.61 -2.62
N GLN C 3 -6.06 -6.23 -3.71
CA GLN C 3 -5.56 -6.50 -5.06
C GLN C 3 -5.94 -5.33 -5.95
N LEU C 4 -4.95 -4.76 -6.63
CA LEU C 4 -5.17 -3.64 -7.54
C LEU C 4 -5.17 -4.17 -8.97
N GLN C 5 -6.33 -4.13 -9.61
CA GLN C 5 -6.50 -4.52 -11.00
C GLN C 5 -6.56 -3.29 -11.88
N GLU C 6 -6.01 -3.41 -13.08
CA GLU C 6 -6.00 -2.31 -14.04
C GLU C 6 -6.31 -2.85 -15.43
N SER C 7 -6.71 -1.93 -16.31
CA SER C 7 -7.19 -2.30 -17.64
C SER C 7 -7.26 -1.05 -18.50
N GLY C 8 -6.95 -1.21 -19.79
CA GLY C 8 -6.94 -0.11 -20.71
C GLY C 8 -7.21 -0.54 -22.13
N PRO C 9 -6.96 0.35 -23.09
CA PRO C 9 -7.27 0.04 -24.49
C PRO C 9 -6.19 -0.81 -25.14
N GLY C 10 -4.92 -0.48 -24.87
CA GLY C 10 -3.81 -1.22 -25.44
C GLY C 10 -3.20 -0.52 -26.63
N LEU C 11 -4.04 -0.02 -27.53
CA LEU C 11 -3.59 0.69 -28.72
C LEU C 11 -4.29 2.04 -28.77
N VAL C 12 -3.58 3.05 -29.27
CA VAL C 12 -4.09 4.41 -29.33
C VAL C 12 -3.54 5.09 -30.57
N LYS C 13 -4.42 5.80 -31.28
CA LYS C 13 -3.98 6.52 -32.46
C LYS C 13 -3.19 7.77 -32.07
N PRO C 14 -2.31 8.26 -32.94
CA PRO C 14 -1.50 9.43 -32.58
C PRO C 14 -2.35 10.69 -32.49
N SER C 15 -1.98 11.55 -31.54
CA SER C 15 -2.65 12.85 -31.35
C SER C 15 -4.13 12.66 -31.03
N GLU C 16 -4.42 11.75 -30.12
CA GLU C 16 -5.77 11.53 -29.62
C GLU C 16 -5.71 11.27 -28.12
N THR C 17 -6.88 11.29 -27.49
CA THR C 17 -6.96 11.10 -26.05
C THR C 17 -6.90 9.63 -25.68
N LEU C 18 -6.32 9.35 -24.52
CA LEU C 18 -6.15 8.01 -23.99
C LEU C 18 -6.85 7.91 -22.63
N SER C 19 -7.32 6.72 -22.31
CA SER C 19 -8.07 6.49 -21.08
C SER C 19 -7.70 5.15 -20.47
N LEU C 20 -7.74 5.09 -19.14
CA LEU C 20 -7.46 3.86 -18.41
C LEU C 20 -8.31 3.81 -17.15
N THR C 21 -8.98 2.69 -16.92
CA THR C 21 -9.74 2.47 -15.71
C THR C 21 -9.02 1.46 -14.83
N CYS C 22 -9.09 1.66 -13.52
CA CYS C 22 -8.41 0.80 -12.54
C CYS C 22 -9.42 0.31 -11.52
N THR C 23 -9.87 -0.93 -11.68
CA THR C 23 -10.75 -1.55 -10.71
C THR C 23 -9.97 -1.95 -9.46
N VAL C 24 -10.70 -2.15 -8.36
CA VAL C 24 -10.10 -2.50 -7.07
C VAL C 24 -10.81 -3.74 -6.54
N SER C 25 -10.06 -4.53 -5.77
CA SER C 25 -10.57 -5.77 -5.21
C SER C 25 -10.05 -5.94 -3.78
N GLY C 26 -10.81 -6.68 -2.99
CA GLY C 26 -10.40 -7.00 -1.63
C GLY C 26 -10.17 -5.79 -0.76
N GLY C 27 -10.83 -4.67 -1.07
CA GLY C 27 -10.68 -3.47 -0.28
C GLY C 27 -11.45 -2.30 -0.85
N SER C 28 -12.34 -1.71 -0.05
CA SER C 28 -13.10 -0.56 -0.51
C SER C 28 -12.17 0.62 -0.78
N ILE C 29 -12.46 1.35 -1.86
CA ILE C 29 -11.59 2.45 -2.26
C ILE C 29 -11.58 3.55 -1.20
N SER C 30 -12.76 3.87 -0.64
CA SER C 30 -12.81 4.87 0.42
C SER C 30 -12.02 4.41 1.65
N SER C 31 -11.89 3.10 1.83
CA SER C 31 -11.05 2.53 2.87
C SER C 31 -9.70 2.13 2.26
N SER C 32 -8.82 1.63 3.13
CA SER C 32 -7.54 1.07 2.69
C SER C 32 -6.78 2.02 1.77
N SER C 33 -6.63 3.27 2.22
CA SER C 33 -5.80 4.29 1.61
C SER C 33 -6.46 5.67 1.70
N TYR C 34 -5.65 6.72 1.56
CA TYR C 34 -6.14 8.08 1.35
C TYR C 34 -5.85 8.57 -0.06
N TYR C 35 -4.66 8.28 -0.59
CA TYR C 35 -4.30 8.62 -1.95
C TYR C 35 -4.40 7.41 -2.86
N TRP C 36 -4.46 7.69 -4.16
CA TRP C 36 -4.32 6.69 -5.22
C TRP C 36 -3.44 7.29 -6.29
N GLY C 37 -2.75 6.45 -7.06
CA GLY C 37 -1.70 6.94 -7.94
C GLY C 37 -1.65 6.26 -9.30
N TRP C 38 -1.30 7.06 -10.30
CA TRP C 38 -1.00 6.57 -11.64
C TRP C 38 0.45 6.89 -11.95
N ILE C 39 1.19 5.84 -12.36
CA ILE C 39 2.59 5.93 -12.75
C ILE C 39 2.71 5.32 -14.13
N ARG C 40 3.82 5.61 -14.81
CA ARG C 40 4.09 4.97 -16.09
C ARG C 40 5.59 4.68 -16.20
N GLN C 41 5.89 3.69 -17.03
CA GLN C 41 7.27 3.26 -17.30
C GLN C 41 7.44 3.22 -18.81
N PRO C 42 8.12 4.20 -19.41
CA PRO C 42 8.43 4.12 -20.84
C PRO C 42 9.08 2.80 -21.18
N PRO C 43 9.25 2.50 -22.48
CA PRO C 43 9.66 1.15 -22.89
C PRO C 43 10.76 0.53 -22.05
N GLY C 44 11.97 1.09 -22.10
CA GLY C 44 13.09 0.53 -21.37
C GLY C 44 13.80 1.55 -20.50
N LYS C 45 13.06 2.55 -20.04
CA LYS C 45 13.59 3.64 -19.25
C LYS C 45 13.19 3.46 -17.79
N GLY C 46 13.27 4.53 -17.00
CA GLY C 46 12.90 4.50 -15.60
C GLY C 46 11.43 4.79 -15.37
N LEU C 47 11.12 5.19 -14.14
CA LEU C 47 9.76 5.45 -13.73
C LEU C 47 9.48 6.94 -13.66
N GLU C 48 8.20 7.29 -13.79
CA GLU C 48 7.77 8.68 -13.76
C GLU C 48 6.37 8.75 -13.16
N TRP C 49 6.23 9.48 -12.06
CA TRP C 49 4.97 9.59 -11.33
C TRP C 49 4.04 10.51 -12.10
N ILE C 50 2.93 9.95 -12.60
CA ILE C 50 1.97 10.75 -13.36
C ILE C 50 1.13 11.62 -12.44
N GLY C 51 0.46 11.00 -11.46
CA GLY C 51 -0.37 11.79 -10.59
C GLY C 51 -0.98 10.98 -9.46
N SER C 52 -1.68 11.68 -8.58
CA SER C 52 -2.40 11.04 -7.48
C SER C 52 -3.67 11.82 -7.19
N ILE C 53 -4.54 11.20 -6.41
CA ILE C 53 -5.87 11.75 -6.12
C ILE C 53 -6.37 11.11 -4.82
N SER C 54 -6.94 11.94 -3.96
CA SER C 54 -7.60 11.43 -2.78
C SER C 54 -9.04 11.03 -3.12
N TYR C 55 -9.59 10.12 -2.31
CA TYR C 55 -10.94 9.64 -2.57
C TYR C 55 -12.00 10.72 -2.40
N SER C 56 -11.63 11.92 -1.94
CA SER C 56 -12.56 13.03 -1.86
C SER C 56 -12.61 13.86 -3.13
N GLY C 57 -11.70 13.63 -4.08
CA GLY C 57 -11.75 14.24 -5.39
C GLY C 57 -10.53 15.04 -5.76
N SER C 58 -9.84 15.62 -4.77
CA SER C 58 -8.72 16.50 -5.04
C SER C 58 -7.61 15.74 -5.76
N THR C 59 -7.03 16.38 -6.78
CA THR C 59 -6.02 15.77 -7.63
C THR C 59 -4.71 16.55 -7.53
N TYR C 60 -3.61 15.86 -7.86
CA TYR C 60 -2.29 16.49 -7.90
C TYR C 60 -1.56 15.94 -9.14
N TYR C 61 -1.83 16.56 -10.28
CA TYR C 61 -1.15 16.18 -11.52
C TYR C 61 0.32 16.54 -11.43
N ASN C 62 1.17 15.67 -11.96
CA ASN C 62 2.60 15.93 -11.97
C ASN C 62 2.89 17.20 -12.78
N PRO C 63 3.67 18.15 -12.26
CA PRO C 63 3.93 19.37 -13.03
C PRO C 63 4.55 19.13 -14.39
N SER C 64 5.15 17.96 -14.61
CA SER C 64 5.78 17.69 -15.90
C SER C 64 4.75 17.61 -17.02
N LEU C 65 3.68 16.83 -16.81
CA LEU C 65 2.65 16.61 -17.82
C LEU C 65 1.32 17.26 -17.44
N LYS C 66 1.32 18.19 -16.49
CA LYS C 66 0.09 18.85 -16.11
C LYS C 66 -0.56 19.52 -17.32
N SER C 67 -1.85 19.81 -17.19
CA SER C 67 -2.67 20.50 -18.19
C SER C 67 -2.96 19.62 -19.39
N ARG C 68 -2.51 18.37 -19.40
CA ARG C 68 -2.96 17.36 -20.36
C ARG C 68 -3.60 16.15 -19.70
N VAL C 69 -3.38 15.96 -18.41
CA VAL C 69 -3.87 14.80 -17.69
C VAL C 69 -5.17 15.16 -16.98
N THR C 70 -6.04 14.17 -16.84
CA THR C 70 -7.26 14.28 -16.06
C THR C 70 -7.42 13.00 -15.27
N ILE C 71 -7.65 13.10 -13.96
CA ILE C 71 -7.72 11.91 -13.11
C ILE C 71 -8.90 12.07 -12.15
N SER C 72 -9.63 10.98 -11.95
CA SER C 72 -10.86 11.01 -11.18
C SER C 72 -11.07 9.67 -10.49
N VAL C 73 -12.12 9.61 -9.67
CA VAL C 73 -12.45 8.41 -8.91
C VAL C 73 -13.95 8.16 -9.00
N ASP C 74 -14.38 7.00 -8.47
CA ASP C 74 -15.79 6.65 -8.41
C ASP C 74 -15.92 5.60 -7.32
N THR C 75 -16.31 6.04 -6.11
CA THR C 75 -16.42 5.13 -4.98
C THR C 75 -17.63 4.21 -5.08
N SER C 76 -18.62 4.57 -5.92
CA SER C 76 -19.77 3.70 -6.09
C SER C 76 -19.43 2.49 -6.97
N LYS C 77 -18.47 2.65 -7.88
CA LYS C 77 -18.00 1.55 -8.73
C LYS C 77 -16.63 1.03 -8.31
N ASN C 78 -16.13 1.48 -7.15
CA ASN C 78 -14.81 1.05 -6.66
C ASN C 78 -13.75 1.23 -7.75
N GLN C 79 -13.86 2.31 -8.52
CA GLN C 79 -13.02 2.51 -9.68
C GLN C 79 -12.12 3.73 -9.50
N PHE C 80 -11.46 4.13 -10.58
CA PHE C 80 -10.34 5.08 -10.53
C PHE C 80 -9.84 5.30 -11.96
N SER C 81 -10.05 6.49 -12.50
CA SER C 81 -9.92 6.73 -13.93
C SER C 81 -8.79 7.71 -14.23
N LEU C 82 -8.08 7.45 -15.32
CA LEU C 82 -7.01 8.29 -15.83
C LEU C 82 -7.28 8.62 -17.30
N LYS C 83 -6.89 9.83 -17.71
CA LYS C 83 -7.11 10.35 -19.04
C LYS C 83 -5.92 11.21 -19.44
N LEU C 84 -5.48 11.08 -20.70
CA LEU C 84 -4.26 11.74 -21.18
C LEU C 84 -4.48 12.22 -22.62
N SER C 85 -4.51 13.54 -22.81
CA SER C 85 -4.84 14.11 -24.10
C SER C 85 -3.60 14.19 -25.00
N SER C 86 -3.83 14.59 -26.26
CA SER C 86 -2.80 14.77 -27.28
C SER C 86 -1.58 13.87 -27.11
N VAL C 87 -1.72 12.58 -27.40
CA VAL C 87 -0.65 11.63 -27.16
C VAL C 87 0.35 11.65 -28.32
N THR C 88 1.61 11.42 -27.97
CA THR C 88 2.70 11.21 -28.91
C THR C 88 3.30 9.83 -28.67
N ALA C 89 4.24 9.44 -29.54
CA ALA C 89 4.90 8.15 -29.38
C ALA C 89 5.72 8.08 -28.09
N ALA C 90 6.15 9.22 -27.55
CA ALA C 90 6.84 9.21 -26.26
C ALA C 90 5.93 8.69 -25.17
N ASP C 91 4.62 8.94 -25.28
CA ASP C 91 3.67 8.48 -24.26
C ASP C 91 3.52 6.97 -24.25
N THR C 92 3.94 6.28 -25.31
CA THR C 92 3.90 4.81 -25.33
C THR C 92 4.67 4.27 -24.13
N ALA C 93 3.99 3.44 -23.32
CA ALA C 93 4.60 2.98 -22.09
C ALA C 93 3.74 1.96 -21.36
N VAL C 94 4.23 1.43 -20.25
CA VAL C 94 3.47 0.52 -19.40
C VAL C 94 2.96 1.33 -18.22
N TYR C 95 1.65 1.48 -18.12
CA TYR C 95 1.04 2.28 -17.07
C TYR C 95 0.68 1.40 -15.87
N TYR C 96 1.07 1.85 -14.69
CA TYR C 96 0.85 1.15 -13.43
C TYR C 96 -0.15 1.92 -12.59
N CYS C 97 -1.14 1.21 -12.06
CA CYS C 97 -2.11 1.77 -11.12
C CYS C 97 -1.72 1.32 -9.71
N ALA C 98 -1.29 2.25 -8.88
CA ALA C 98 -0.82 1.95 -7.54
C ALA C 98 -1.61 2.78 -6.52
N ARG C 99 -1.28 2.58 -5.25
CA ARG C 99 -1.88 3.36 -4.17
C ARG C 99 -0.76 4.14 -3.48
N ASP C 100 -0.81 5.46 -3.61
CA ASP C 100 0.16 6.31 -2.93
C ASP C 100 -0.17 6.36 -1.44
N SER C 101 0.86 6.22 -0.62
CA SER C 101 0.72 6.25 0.83
C SER C 101 1.55 7.37 1.41
N LEU C 102 1.11 7.88 2.56
CA LEU C 102 1.81 8.94 3.27
C LEU C 102 2.61 8.42 4.46
N ARG C 103 2.78 7.11 4.57
CA ARG C 103 3.64 6.48 5.56
C ARG C 103 4.59 5.47 4.93
N TYR C 104 4.10 4.69 3.96
CA TYR C 104 4.85 3.59 3.37
C TYR C 104 5.22 3.83 1.91
N GLY C 105 4.98 5.04 1.40
CA GLY C 105 5.14 5.28 -0.04
C GLY C 105 4.21 4.32 -0.80
N MET C 106 4.32 4.36 -2.13
CA MET C 106 3.52 3.42 -2.93
C MET C 106 3.87 1.98 -2.54
N ASP C 107 2.99 1.34 -1.76
CA ASP C 107 3.27 0.02 -1.23
C ASP C 107 2.74 -1.09 -2.14
N VAL C 108 1.48 -0.97 -2.59
CA VAL C 108 0.87 -1.96 -3.46
C VAL C 108 0.81 -1.40 -4.87
N TRP C 109 0.97 -2.29 -5.85
CA TRP C 109 0.94 -1.94 -7.26
C TRP C 109 -0.01 -2.88 -7.99
N GLY C 110 -0.30 -2.53 -9.24
CA GLY C 110 -1.04 -3.40 -10.13
C GLY C 110 -0.12 -4.19 -11.04
N GLN C 111 -0.74 -4.96 -11.93
CA GLN C 111 -0.01 -5.83 -12.84
C GLN C 111 0.48 -5.09 -14.08
N GLY C 112 0.18 -3.80 -14.21
CA GLY C 112 0.62 -3.02 -15.35
C GLY C 112 -0.23 -3.24 -16.59
N THR C 113 -0.30 -2.24 -17.46
CA THR C 113 -0.97 -2.37 -18.74
C THR C 113 -0.16 -1.64 -19.80
N THR C 114 0.13 -2.34 -20.90
CA THR C 114 0.96 -1.78 -21.97
C THR C 114 0.09 -0.97 -22.91
N VAL C 115 0.50 0.27 -23.19
CA VAL C 115 -0.21 1.16 -24.10
C VAL C 115 0.77 1.63 -25.17
N THR C 116 0.41 1.38 -26.42
CA THR C 116 1.21 1.78 -27.57
C THR C 116 0.50 2.89 -28.33
N VAL C 117 1.28 3.81 -28.89
CA VAL C 117 0.76 4.90 -29.71
C VAL C 117 1.33 4.70 -31.11
N SER C 118 0.47 4.28 -32.03
CA SER C 118 0.89 4.01 -33.40
C SER C 118 -0.32 4.08 -34.32
N SER C 119 -0.10 4.63 -35.52
CA SER C 119 -1.17 4.75 -36.51
C SER C 119 -1.21 3.53 -37.43
N ALA C 120 -1.22 2.34 -36.81
CA ALA C 120 -1.29 1.08 -37.55
C ALA C 120 -2.31 0.17 -36.88
N SER C 121 -3.07 -0.55 -37.69
CA SER C 121 -4.18 -1.34 -37.20
C SER C 121 -3.67 -2.61 -36.52
N THR C 122 -4.56 -3.21 -35.71
CA THR C 122 -4.21 -4.39 -34.94
C THR C 122 -4.09 -5.62 -35.84
N LYS C 123 -3.28 -6.58 -35.39
CA LYS C 123 -3.08 -7.83 -36.12
C LYS C 123 -2.98 -8.98 -35.12
N GLY C 124 -3.35 -10.17 -35.59
CA GLY C 124 -3.27 -11.38 -34.79
C GLY C 124 -1.98 -12.12 -35.03
N PRO C 125 -1.54 -12.89 -34.04
CA PRO C 125 -0.27 -13.62 -34.17
C PRO C 125 -0.44 -14.94 -34.90
N SER C 126 0.68 -15.43 -35.43
CA SER C 126 0.76 -16.77 -36.00
C SER C 126 1.71 -17.61 -35.17
N VAL C 127 1.28 -18.81 -34.81
CA VAL C 127 1.98 -19.66 -33.85
C VAL C 127 2.52 -20.88 -34.59
N PHE C 128 3.84 -21.05 -34.56
CA PHE C 128 4.51 -22.14 -35.24
C PHE C 128 5.32 -22.98 -34.26
N PRO C 129 5.36 -24.31 -34.41
CA PRO C 129 6.14 -25.12 -33.46
C PRO C 129 7.58 -25.32 -33.92
N LEU C 130 8.54 -25.12 -33.02
CA LEU C 130 9.94 -25.41 -33.31
C LEU C 130 10.20 -26.83 -32.79
N ALA C 131 9.90 -27.81 -33.64
CA ALA C 131 9.95 -29.21 -33.25
C ALA C 131 11.28 -29.56 -32.60
N PRO C 132 11.31 -30.49 -31.66
CA PRO C 132 12.57 -30.85 -31.00
C PRO C 132 13.54 -31.46 -31.99
N SER C 133 14.83 -31.15 -31.82
CA SER C 133 15.87 -31.70 -32.67
C SER C 133 15.78 -33.22 -32.68
N SER C 134 15.29 -33.79 -33.79
CA SER C 134 15.05 -35.22 -33.83
C SER C 134 16.31 -36.00 -33.45
N LYS C 135 17.49 -35.48 -33.79
CA LYS C 135 18.72 -35.99 -33.19
C LYS C 135 18.81 -35.41 -31.79
N SER C 136 18.38 -36.18 -30.80
CA SER C 136 18.63 -35.87 -29.40
C SER C 136 19.43 -37.01 -28.80
N THR C 137 20.24 -36.69 -27.79
CA THR C 137 20.99 -37.72 -27.07
C THR C 137 20.08 -38.26 -25.97
N SER C 138 19.66 -39.52 -26.12
CA SER C 138 18.52 -40.06 -25.38
C SER C 138 18.73 -40.08 -23.87
N GLY C 139 19.90 -39.62 -23.41
CA GLY C 139 20.15 -39.50 -21.99
C GLY C 139 20.35 -38.07 -21.54
N GLY C 140 20.69 -37.18 -22.48
CA GLY C 140 20.97 -35.80 -22.15
C GLY C 140 19.74 -34.90 -22.13
N THR C 141 19.76 -33.84 -22.93
CA THR C 141 18.73 -32.82 -22.91
C THR C 141 18.25 -32.52 -24.33
N ALA C 142 16.96 -32.19 -24.43
CA ALA C 142 16.35 -31.81 -25.69
C ALA C 142 15.68 -30.45 -25.52
N ALA C 143 15.85 -29.58 -26.52
CA ALA C 143 15.27 -28.24 -26.50
C ALA C 143 14.12 -28.17 -27.49
N LEU C 144 13.08 -27.41 -27.14
CA LEU C 144 11.96 -27.18 -28.04
C LEU C 144 11.37 -25.81 -27.72
N GLY C 145 10.32 -25.45 -28.44
CA GLY C 145 9.69 -24.18 -28.23
C GLY C 145 8.65 -23.88 -29.30
N CYS C 146 8.13 -22.66 -29.25
CA CYS C 146 7.21 -22.19 -30.28
C CYS C 146 7.45 -20.71 -30.56
N LEU C 147 7.22 -20.37 -31.83
CA LEU C 147 7.45 -19.04 -32.37
C LEU C 147 6.12 -18.34 -32.58
N VAL C 148 6.07 -17.06 -32.22
CA VAL C 148 4.89 -16.22 -32.39
C VAL C 148 5.31 -15.08 -33.32
N LYS C 149 4.85 -15.13 -34.56
CA LYS C 149 5.31 -14.23 -35.61
C LYS C 149 4.17 -13.32 -36.06
N ASP C 150 4.51 -12.07 -36.36
CA ASP C 150 3.62 -11.17 -37.09
C ASP C 150 2.39 -10.79 -36.27
N TYR C 151 2.61 -10.16 -35.12
CA TYR C 151 1.53 -9.63 -34.31
C TYR C 151 1.82 -8.17 -33.98
N PHE C 152 0.76 -7.45 -33.61
CA PHE C 152 0.88 -6.04 -33.28
C PHE C 152 -0.38 -5.58 -32.55
N PRO C 153 -0.27 -4.85 -31.44
CA PRO C 153 0.95 -4.49 -30.70
C PRO C 153 1.27 -5.46 -29.57
N GLU C 154 2.38 -5.22 -28.88
CA GLU C 154 2.71 -5.89 -27.62
C GLU C 154 1.47 -5.82 -26.73
N PRO C 155 1.25 -6.80 -25.83
CA PRO C 155 2.03 -7.99 -25.52
C PRO C 155 1.42 -9.31 -25.93
N VAL C 156 2.24 -10.35 -25.89
CA VAL C 156 1.80 -11.74 -25.93
C VAL C 156 2.33 -12.41 -24.68
N THR C 157 1.48 -13.17 -24.00
CA THR C 157 1.88 -13.90 -22.81
C THR C 157 1.94 -15.38 -23.14
N VAL C 158 3.10 -15.99 -22.90
CA VAL C 158 3.35 -17.40 -23.19
C VAL C 158 3.42 -18.14 -21.87
N SER C 159 2.84 -19.34 -21.83
CA SER C 159 3.02 -20.25 -20.71
C SER C 159 3.12 -21.67 -21.28
N TRP C 160 3.55 -22.60 -20.44
CA TRP C 160 3.80 -23.97 -20.88
C TRP C 160 3.00 -24.94 -20.03
N ASN C 161 2.18 -25.76 -20.70
CA ASN C 161 1.33 -26.75 -20.04
C ASN C 161 0.47 -26.12 -18.96
N SER C 162 -0.03 -24.91 -19.25
CA SER C 162 -0.94 -24.20 -18.35
C SER C 162 -0.25 -23.81 -17.06
N GLY C 163 1.00 -23.36 -17.16
CA GLY C 163 1.77 -23.03 -15.98
C GLY C 163 2.24 -24.23 -15.18
N ALA C 164 2.10 -25.43 -15.72
CA ALA C 164 2.54 -26.64 -15.04
C ALA C 164 3.98 -27.02 -15.36
N LEU C 165 4.58 -26.39 -16.38
CA LEU C 165 5.96 -26.62 -16.77
C LEU C 165 6.64 -25.25 -16.84
N THR C 166 7.45 -24.93 -15.82
CA THR C 166 8.10 -23.64 -15.76
C THR C 166 9.60 -23.72 -15.49
N SER C 167 10.14 -24.89 -15.16
CA SER C 167 11.58 -25.03 -14.93
C SER C 167 12.29 -25.15 -16.28
N GLY C 168 13.25 -24.27 -16.52
CA GLY C 168 13.96 -24.28 -17.78
C GLY C 168 13.23 -23.62 -18.91
N VAL C 169 12.45 -22.59 -18.63
CA VAL C 169 11.66 -21.87 -19.63
C VAL C 169 12.32 -20.51 -19.85
N HIS C 170 12.54 -20.17 -21.12
CA HIS C 170 13.11 -18.88 -21.49
C HIS C 170 12.25 -18.27 -22.59
N THR C 171 11.58 -17.18 -22.27
CA THR C 171 10.78 -16.42 -23.24
C THR C 171 11.50 -15.09 -23.47
N PHE C 172 11.86 -14.82 -24.71
CA PHE C 172 12.66 -13.67 -25.06
C PHE C 172 11.79 -12.43 -25.25
N PRO C 173 12.40 -11.25 -25.25
CA PRO C 173 11.65 -10.04 -25.61
C PRO C 173 11.31 -10.06 -27.09
N ALA C 174 10.17 -9.47 -27.42
CA ALA C 174 9.71 -9.44 -28.80
C ALA C 174 10.62 -8.56 -29.64
N VAL C 175 10.97 -9.04 -30.83
CA VAL C 175 11.78 -8.29 -31.78
C VAL C 175 10.84 -7.61 -32.78
N LEU C 176 11.17 -6.38 -33.16
CA LEU C 176 10.39 -5.61 -34.10
C LEU C 176 11.05 -5.69 -35.47
N GLN C 177 10.25 -5.94 -36.50
CA GLN C 177 10.75 -6.20 -37.84
C GLN C 177 10.60 -4.96 -38.72
N SER C 178 10.84 -5.14 -40.02
CA SER C 178 10.73 -4.02 -40.95
C SER C 178 9.28 -3.60 -41.13
N SER C 179 8.37 -4.56 -41.12
CA SER C 179 6.95 -4.30 -41.35
C SER C 179 6.23 -3.80 -40.11
N GLY C 180 6.95 -3.30 -39.11
CA GLY C 180 6.33 -2.83 -37.90
C GLY C 180 5.62 -3.89 -37.09
N LEU C 181 5.85 -5.17 -37.39
CA LEU C 181 5.21 -6.28 -36.69
C LEU C 181 6.19 -6.92 -35.72
N TYR C 182 5.64 -7.58 -34.70
CA TYR C 182 6.43 -8.16 -33.63
C TYR C 182 6.61 -9.66 -33.84
N SER C 183 7.81 -10.15 -33.51
CA SER C 183 8.09 -11.57 -33.44
C SER C 183 8.64 -11.88 -32.06
N LEU C 184 8.39 -13.10 -31.60
CA LEU C 184 8.81 -13.52 -30.27
C LEU C 184 8.97 -15.02 -30.27
N SER C 185 9.93 -15.51 -29.49
CA SER C 185 10.23 -16.93 -29.41
C SER C 185 10.19 -17.37 -27.96
N SER C 186 9.50 -18.47 -27.67
CA SER C 186 9.52 -19.08 -26.35
C SER C 186 10.13 -20.46 -26.47
N VAL C 187 11.03 -20.81 -25.53
CA VAL C 187 11.77 -22.05 -25.60
C VAL C 187 11.82 -22.70 -24.22
N VAL C 188 12.07 -24.00 -24.22
CA VAL C 188 12.11 -24.80 -23.00
C VAL C 188 13.06 -25.96 -23.21
N THR C 189 13.77 -26.33 -22.15
CA THR C 189 14.66 -27.47 -22.13
C THR C 189 14.01 -28.59 -21.32
N VAL C 190 14.20 -29.82 -21.77
CA VAL C 190 13.54 -30.96 -21.14
C VAL C 190 14.45 -32.17 -21.19
N PRO C 191 14.20 -33.20 -20.38
CA PRO C 191 14.95 -34.46 -20.55
C PRO C 191 14.52 -35.17 -21.82
N SER C 192 15.51 -35.56 -22.64
CA SER C 192 15.21 -36.28 -23.87
C SER C 192 14.52 -37.60 -23.59
N SER C 193 14.58 -38.10 -22.36
CA SER C 193 13.98 -39.37 -22.01
C SER C 193 12.45 -39.33 -22.00
N SER C 194 11.85 -38.17 -22.21
CA SER C 194 10.40 -38.03 -22.18
C SER C 194 9.83 -37.48 -23.49
N LEU C 195 10.62 -37.45 -24.55
CA LEU C 195 10.14 -36.90 -25.81
C LEU C 195 8.89 -37.63 -26.30
N GLY C 196 8.88 -38.95 -26.17
CA GLY C 196 7.69 -39.73 -26.49
C GLY C 196 6.93 -40.13 -25.25
N THR C 197 6.89 -39.23 -24.26
CA THR C 197 6.29 -39.52 -22.97
C THR C 197 5.49 -38.32 -22.47
N GLN C 198 6.15 -37.19 -22.26
CA GLN C 198 5.49 -35.98 -21.79
C GLN C 198 5.11 -35.11 -22.98
N THR C 199 3.89 -34.61 -22.97
CA THR C 199 3.41 -33.70 -24.00
C THR C 199 3.73 -32.26 -23.59
N TYR C 200 4.06 -31.44 -24.58
CA TYR C 200 4.49 -30.06 -24.34
C TYR C 200 3.65 -29.11 -25.18
N ILE C 201 2.88 -28.26 -24.50
CA ILE C 201 1.99 -27.32 -25.14
C ILE C 201 2.39 -25.92 -24.73
N CYS C 202 2.49 -25.02 -25.70
CA CYS C 202 2.73 -23.60 -25.44
C CYS C 202 1.42 -22.85 -25.64
N ASN C 203 1.09 -22.00 -24.67
CA ASN C 203 -0.15 -21.25 -24.61
C ASN C 203 0.19 -19.78 -24.83
N VAL C 204 -0.13 -19.30 -26.03
CA VAL C 204 0.04 -17.90 -26.40
C VAL C 204 -1.28 -17.18 -26.21
N ASN C 205 -1.22 -15.99 -25.61
CA ASN C 205 -2.38 -15.14 -25.46
C ASN C 205 -2.03 -13.74 -25.93
N HIS C 206 -2.68 -13.29 -27.00
CA HIS C 206 -2.59 -11.92 -27.50
C HIS C 206 -3.99 -11.31 -27.34
N LYS C 207 -4.17 -10.54 -26.27
CA LYS C 207 -5.49 -10.01 -25.91
C LYS C 207 -5.94 -8.90 -26.85
N PRO C 208 -5.06 -7.98 -27.26
CA PRO C 208 -5.48 -6.94 -28.21
C PRO C 208 -6.14 -7.48 -29.47
N SER C 209 -5.98 -8.77 -29.75
CA SER C 209 -6.66 -9.40 -30.88
C SER C 209 -7.52 -10.59 -30.45
N ASN C 210 -7.66 -10.83 -29.14
CA ASN C 210 -8.40 -11.97 -28.62
C ASN C 210 -7.99 -13.26 -29.33
N THR C 211 -6.70 -13.54 -29.27
CA THR C 211 -6.13 -14.74 -29.88
C THR C 211 -5.48 -15.57 -28.78
N LYS C 212 -6.13 -16.67 -28.41
CA LYS C 212 -5.56 -17.65 -27.48
C LYS C 212 -5.31 -18.94 -28.23
N VAL C 213 -4.04 -19.35 -28.29
CA VAL C 213 -3.66 -20.57 -28.99
C VAL C 213 -2.94 -21.50 -28.00
N ASP C 214 -3.26 -22.78 -28.08
CA ASP C 214 -2.56 -23.82 -27.32
C ASP C 214 -1.99 -24.79 -28.34
N LYS C 215 -0.70 -24.63 -28.67
CA LYS C 215 -0.05 -25.42 -29.70
C LYS C 215 0.82 -26.49 -29.07
N ARG C 216 0.65 -27.74 -29.53
CA ARG C 216 1.51 -28.83 -29.10
C ARG C 216 2.70 -28.97 -30.05
N VAL C 217 3.86 -29.23 -29.47
CA VAL C 217 5.10 -29.42 -30.23
C VAL C 217 5.48 -30.89 -30.15
N GLU C 218 5.74 -31.51 -31.29
CA GLU C 218 6.07 -32.93 -31.36
C GLU C 218 7.25 -33.14 -32.28
N PRO C 219 8.05 -34.20 -32.05
CA PRO C 219 9.18 -34.47 -32.94
C PRO C 219 8.77 -34.89 -34.35
N LYS C 220 9.75 -35.14 -35.20
CA LYS C 220 9.54 -35.64 -36.55
C LYS C 220 10.35 -36.91 -36.75
N SER C 221 9.72 -37.91 -37.37
CA SER C 221 10.34 -39.22 -37.53
C SER C 221 11.11 -39.29 -38.84
N CYS C 222 11.99 -40.29 -38.92
CA CYS C 222 12.79 -40.53 -40.12
C CYS C 222 12.50 -41.90 -40.72
N ASP D 1 11.75 20.28 -6.97
CA ASP D 1 10.82 19.18 -6.69
C ASP D 1 11.58 17.96 -6.19
N ILE D 2 12.71 18.20 -5.52
CA ILE D 2 13.51 17.13 -4.94
C ILE D 2 13.98 16.19 -6.05
N VAL D 3 14.89 16.68 -6.90
CA VAL D 3 15.42 15.85 -7.97
C VAL D 3 16.06 14.60 -7.37
N MET D 4 15.95 13.49 -8.09
CA MET D 4 16.48 12.20 -7.67
C MET D 4 17.63 11.82 -8.58
N THR D 5 18.74 11.36 -7.99
CA THR D 5 19.89 10.92 -8.79
C THR D 5 20.52 9.71 -8.12
N GLN D 6 20.32 8.53 -8.72
CA GLN D 6 20.92 7.30 -8.22
C GLN D 6 22.34 7.14 -8.76
N SER D 7 23.06 6.19 -8.20
CA SER D 7 24.44 5.96 -8.57
C SER D 7 24.93 4.61 -8.04
N PRO D 8 25.60 3.80 -8.88
CA PRO D 8 25.87 4.01 -10.31
C PRO D 8 24.72 3.52 -11.21
N ASP D 9 24.96 3.47 -12.52
CA ASP D 9 23.96 2.91 -13.44
C ASP D 9 23.93 1.39 -13.35
N SER D 10 25.06 0.75 -13.62
CA SER D 10 25.21 -0.69 -13.53
C SER D 10 26.06 -1.06 -12.32
N LEU D 11 25.89 -2.29 -11.85
CA LEU D 11 26.62 -2.80 -10.69
C LEU D 11 26.75 -4.31 -10.85
N ALA D 12 27.99 -4.80 -10.81
CA ALA D 12 28.26 -6.22 -10.99
C ALA D 12 29.15 -6.70 -9.86
N VAL D 13 28.59 -7.52 -8.97
CA VAL D 13 29.31 -8.09 -7.84
C VAL D 13 29.02 -9.59 -7.80
N SER D 14 29.96 -10.35 -7.25
CA SER D 14 29.87 -11.80 -7.26
C SER D 14 28.86 -12.30 -6.22
N LEU D 15 28.45 -13.56 -6.39
CA LEU D 15 27.53 -14.19 -5.47
C LEU D 15 28.05 -14.07 -4.03
N GLY D 16 27.14 -13.82 -3.10
CA GLY D 16 27.49 -13.72 -1.70
C GLY D 16 28.32 -12.52 -1.32
N GLU D 17 28.60 -11.61 -2.25
CA GLU D 17 29.36 -10.41 -1.96
C GLU D 17 28.41 -9.24 -1.68
N ARG D 18 28.96 -8.20 -1.05
CA ARG D 18 28.17 -7.05 -0.67
C ARG D 18 27.95 -6.12 -1.85
N ALA D 19 26.72 -5.60 -1.96
CA ALA D 19 26.37 -4.60 -2.95
C ALA D 19 25.83 -3.36 -2.26
N THR D 20 26.19 -2.18 -2.77
CA THR D 20 25.73 -0.93 -2.18
C THR D 20 25.39 0.05 -3.29
N ILE D 21 24.25 0.75 -3.12
CA ILE D 21 23.77 1.74 -4.07
C ILE D 21 23.54 3.03 -3.32
N ASN D 22 23.75 4.17 -3.99
CA ASN D 22 23.61 5.46 -3.34
C ASN D 22 22.73 6.38 -4.18
N CYS D 23 21.74 7.00 -3.56
CA CYS D 23 20.94 8.03 -4.23
C CYS D 23 21.01 9.35 -3.47
N LYS D 24 21.12 10.42 -4.24
CA LYS D 24 21.19 11.78 -3.74
C LYS D 24 19.93 12.55 -4.14
N SER D 25 19.50 13.42 -3.24
CA SER D 25 18.35 14.28 -3.45
C SER D 25 18.82 15.74 -3.43
N SER D 26 18.17 16.56 -4.26
CA SER D 26 18.54 17.97 -4.32
C SER D 26 18.02 18.76 -3.13
N GLN D 27 16.87 18.36 -2.58
CA GLN D 27 16.31 18.98 -1.39
C GLN D 27 16.30 17.98 -0.24
N SER D 28 16.41 18.49 0.98
CA SER D 28 16.37 17.63 2.15
C SER D 28 15.03 16.90 2.23
N VAL D 29 15.10 15.60 2.52
CA VAL D 29 13.89 14.79 2.68
C VAL D 29 13.51 14.65 4.15
N LEU D 30 14.40 14.97 5.08
CA LEU D 30 14.10 14.88 6.50
C LEU D 30 12.88 15.74 6.84
N TYR D 31 12.07 15.24 7.77
CA TYR D 31 10.89 15.94 8.26
C TYR D 31 11.11 16.30 9.72
N SER D 32 10.88 17.58 10.06
CA SER D 32 11.25 18.08 11.38
C SER D 32 10.27 17.63 12.45
N SER D 33 8.98 17.57 12.13
CA SER D 33 7.97 17.25 13.13
C SER D 33 8.29 15.93 13.84
N ASN D 34 8.33 14.84 13.08
CA ASN D 34 8.53 13.51 13.64
C ASN D 34 9.95 12.98 13.41
N ASN D 35 10.85 13.79 12.87
CA ASN D 35 12.25 13.41 12.73
C ASN D 35 12.39 12.15 11.88
N LYS D 36 11.93 12.26 10.63
CA LYS D 36 11.86 11.11 9.74
C LYS D 36 12.20 11.53 8.33
N ASN D 37 12.58 10.55 7.51
CA ASN D 37 12.93 10.75 6.10
C ASN D 37 11.96 9.95 5.25
N TYR D 38 11.25 10.65 4.36
CA TYR D 38 10.27 10.00 3.48
C TYR D 38 10.98 9.59 2.19
N LEU D 39 11.68 8.47 2.26
CA LEU D 39 12.37 7.89 1.12
C LEU D 39 12.00 6.42 1.00
N ALA D 40 11.97 5.93 -0.24
CA ALA D 40 11.56 4.57 -0.54
C ALA D 40 12.57 3.91 -1.48
N TRP D 41 12.82 2.62 -1.25
CA TRP D 41 13.66 1.79 -2.08
C TRP D 41 12.81 0.68 -2.68
N TYR D 42 12.81 0.58 -4.01
CA TYR D 42 11.99 -0.37 -4.75
C TYR D 42 12.86 -1.31 -5.58
N GLN D 43 12.37 -2.55 -5.72
CA GLN D 43 12.97 -3.56 -6.58
C GLN D 43 12.01 -3.91 -7.71
N GLN D 44 12.55 -4.04 -8.92
CA GLN D 44 11.76 -4.44 -10.08
C GLN D 44 12.51 -5.52 -10.84
N LYS D 45 11.92 -6.72 -10.91
CA LYS D 45 12.40 -7.81 -11.74
C LYS D 45 11.74 -7.73 -13.12
N PRO D 46 12.29 -8.42 -14.11
CA PRO D 46 11.78 -8.25 -15.48
C PRO D 46 10.32 -8.67 -15.60
N GLY D 47 9.52 -7.81 -16.23
CA GLY D 47 8.13 -8.08 -16.46
C GLY D 47 7.24 -7.96 -15.24
N GLN D 48 7.81 -7.71 -14.05
CA GLN D 48 7.02 -7.56 -12.85
C GLN D 48 6.90 -6.09 -12.46
N PRO D 49 5.81 -5.70 -11.80
CA PRO D 49 5.74 -4.32 -11.26
C PRO D 49 6.79 -4.11 -10.19
N PRO D 50 7.18 -2.86 -9.94
CA PRO D 50 8.12 -2.60 -8.85
C PRO D 50 7.57 -3.08 -7.52
N LYS D 51 8.47 -3.50 -6.65
CA LYS D 51 8.13 -3.97 -5.31
C LYS D 51 8.86 -3.11 -4.28
N LEU D 52 8.11 -2.57 -3.33
CA LEU D 52 8.70 -1.73 -2.30
C LEU D 52 9.55 -2.57 -1.36
N LEU D 53 10.83 -2.21 -1.23
CA LEU D 53 11.71 -2.86 -0.27
C LEU D 53 11.74 -2.10 1.05
N ILE D 54 12.08 -0.82 1.01
CA ILE D 54 12.30 -0.04 2.22
C ILE D 54 11.47 1.23 2.17
N TYR D 55 10.89 1.59 3.31
CA TYR D 55 10.26 2.90 3.50
C TYR D 55 10.86 3.53 4.74
N TRP D 56 10.67 4.85 4.86
CA TRP D 56 11.24 5.62 5.97
C TRP D 56 12.76 5.45 6.02
N ALA D 57 13.38 5.41 4.85
CA ALA D 57 14.84 5.38 4.72
C ALA D 57 15.44 4.05 5.17
N SER D 58 15.13 3.60 6.39
CA SER D 58 15.80 2.45 6.98
C SER D 58 14.85 1.41 7.54
N THR D 59 13.54 1.56 7.36
CA THR D 59 12.58 0.59 7.87
C THR D 59 12.22 -0.41 6.77
N ARG D 60 12.34 -1.70 7.10
CA ARG D 60 12.08 -2.77 6.16
C ARG D 60 10.61 -3.17 6.20
N GLU D 61 10.14 -3.72 5.08
CA GLU D 61 8.74 -4.12 4.94
C GLU D 61 8.57 -5.59 5.29
N SER D 62 7.36 -5.94 5.74
CA SER D 62 7.05 -7.31 6.11
C SER D 62 7.39 -8.26 4.95
N GLY D 63 7.98 -9.40 5.28
CA GLY D 63 8.33 -10.40 4.30
C GLY D 63 9.56 -10.09 3.49
N VAL D 64 10.35 -9.10 3.88
CA VAL D 64 11.57 -8.74 3.18
C VAL D 64 12.75 -9.28 3.99
N PRO D 65 13.66 -10.07 3.39
CA PRO D 65 14.75 -10.65 4.18
C PRO D 65 15.63 -9.60 4.83
N ASP D 66 16.62 -10.04 5.61
CA ASP D 66 17.47 -9.12 6.36
C ASP D 66 18.62 -8.57 5.53
N ARG D 67 19.01 -9.27 4.46
CA ARG D 67 20.16 -8.81 3.66
C ARG D 67 19.95 -7.40 3.12
N PHE D 68 18.71 -6.92 3.06
CA PHE D 68 18.44 -5.56 2.61
C PHE D 68 18.48 -4.61 3.80
N SER D 69 19.22 -3.50 3.65
CA SER D 69 19.23 -2.47 4.67
C SER D 69 19.33 -1.11 4.02
N GLY D 70 18.61 -0.13 4.59
CA GLY D 70 18.66 1.25 4.15
C GLY D 70 19.29 2.12 5.21
N SER D 71 19.95 3.19 4.78
CA SER D 71 20.62 4.09 5.69
C SER D 71 20.79 5.45 5.00
N GLY D 72 21.32 6.41 5.75
CA GLY D 72 21.58 7.74 5.24
C GLY D 72 20.78 8.79 5.98
N SER D 73 20.83 10.01 5.44
CA SER D 73 20.15 11.13 6.07
C SER D 73 20.12 12.31 5.10
N GLY D 74 19.26 13.27 5.41
CA GLY D 74 19.18 14.50 4.66
C GLY D 74 19.08 14.31 3.17
N THR D 75 20.19 14.52 2.46
CA THR D 75 20.21 14.51 0.99
C THR D 75 21.11 13.41 0.44
N ASP D 76 21.45 12.41 1.24
CA ASP D 76 22.32 11.32 0.81
C ASP D 76 21.84 10.04 1.47
N PHE D 77 21.47 9.03 0.67
CA PHE D 77 20.97 7.78 1.22
C PHE D 77 21.60 6.61 0.49
N THR D 78 21.67 5.48 1.20
CA THR D 78 22.36 4.29 0.71
C THR D 78 21.50 3.07 1.00
N LEU D 79 21.64 2.06 0.14
CA LEU D 79 20.94 0.78 0.27
C LEU D 79 21.96 -0.32 0.05
N THR D 80 22.11 -1.20 1.03
CA THR D 80 23.10 -2.27 1.00
C THR D 80 22.40 -3.62 1.02
N ILE D 81 22.77 -4.46 0.06
CA ILE D 81 22.42 -5.88 0.04
C ILE D 81 23.66 -6.63 0.50
N SER D 82 23.62 -7.16 1.73
CA SER D 82 24.69 -7.98 2.24
C SER D 82 24.55 -9.39 1.67
N SER D 83 25.61 -9.88 1.02
CA SER D 83 25.63 -11.24 0.50
C SER D 83 24.62 -11.44 -0.62
N LEU D 84 24.86 -10.77 -1.75
CA LEU D 84 23.95 -10.82 -2.88
C LEU D 84 23.60 -12.27 -3.25
N GLN D 85 22.39 -12.45 -3.74
CA GLN D 85 21.91 -13.72 -4.26
C GLN D 85 21.41 -13.52 -5.69
N ALA D 86 21.26 -14.65 -6.40
CA ALA D 86 20.87 -14.58 -7.81
C ALA D 86 19.41 -14.17 -7.99
N GLU D 87 18.55 -14.43 -7.00
CA GLU D 87 17.18 -13.97 -7.08
C GLU D 87 17.07 -12.46 -6.91
N ASP D 88 18.05 -11.83 -6.25
CA ASP D 88 18.06 -10.40 -6.03
C ASP D 88 18.56 -9.61 -7.24
N VAL D 89 18.70 -10.26 -8.39
CA VAL D 89 19.08 -9.56 -9.62
C VAL D 89 17.86 -8.83 -10.14
N ALA D 90 18.01 -7.53 -10.41
CA ALA D 90 16.88 -6.70 -10.79
C ALA D 90 17.34 -5.28 -11.05
N VAL D 91 16.41 -4.36 -11.25
CA VAL D 91 16.69 -2.93 -11.22
C VAL D 91 16.14 -2.37 -9.92
N TYR D 92 16.78 -1.34 -9.41
CA TYR D 92 16.44 -0.76 -8.12
C TYR D 92 16.23 0.73 -8.27
N TYR D 93 15.20 1.24 -7.60
CA TYR D 93 14.78 2.63 -7.74
C TYR D 93 14.70 3.31 -6.39
N CYS D 94 15.24 4.53 -6.33
CA CYS D 94 15.17 5.37 -5.15
C CYS D 94 14.13 6.46 -5.38
N GLN D 95 13.18 6.57 -4.46
CA GLN D 95 12.05 7.48 -4.61
C GLN D 95 11.92 8.31 -3.34
N GLN D 96 11.33 9.50 -3.48
CA GLN D 96 10.96 10.33 -2.34
C GLN D 96 9.46 10.58 -2.39
N TYR D 97 8.82 10.52 -1.22
CA TYR D 97 7.37 10.66 -1.15
C TYR D 97 6.95 11.53 0.03
N ALA D 98 7.77 12.50 0.40
CA ALA D 98 7.39 13.43 1.46
C ALA D 98 6.09 14.14 1.08
N LEU D 99 5.56 14.90 2.05
CA LEU D 99 4.25 15.51 1.86
C LEU D 99 4.21 16.43 0.65
N ALA D 100 5.33 17.04 0.30
CA ALA D 100 5.36 17.92 -0.86
C ALA D 100 4.78 17.19 -2.07
N PRO D 101 4.05 17.88 -2.95
CA PRO D 101 3.26 17.17 -3.97
C PRO D 101 4.15 16.36 -4.91
N PRO D 102 5.08 17.00 -5.65
CA PRO D 102 5.80 16.25 -6.70
C PRO D 102 6.61 15.10 -6.15
N ARG D 103 6.16 13.88 -6.40
CA ARG D 103 6.89 12.66 -6.05
C ARG D 103 7.69 12.19 -7.25
N THR D 104 9.01 12.14 -7.11
CA THR D 104 9.90 11.86 -8.21
C THR D 104 10.68 10.57 -7.97
N PHE D 105 11.08 9.93 -9.06
CA PHE D 105 11.85 8.69 -9.04
C PHE D 105 13.27 8.94 -9.51
N GLY D 106 14.15 8.00 -9.17
CA GLY D 106 15.52 8.05 -9.61
C GLY D 106 15.68 7.62 -11.06
N GLY D 107 16.92 7.37 -11.44
CA GLY D 107 17.23 6.96 -12.79
C GLY D 107 17.22 5.46 -13.03
N GLY D 108 17.24 4.66 -11.95
CA GLY D 108 17.26 3.22 -12.08
C GLY D 108 18.66 2.65 -12.10
N THR D 109 19.00 1.86 -11.10
CA THR D 109 20.32 1.23 -10.99
C THR D 109 20.14 -0.28 -11.07
N LYS D 110 20.70 -0.90 -12.10
CA LYS D 110 20.60 -2.34 -12.24
C LYS D 110 21.69 -3.03 -11.43
N VAL D 111 21.35 -4.18 -10.86
CA VAL D 111 22.29 -5.01 -10.11
C VAL D 111 22.56 -6.27 -10.93
N GLU D 112 23.84 -6.59 -11.10
CA GLU D 112 24.26 -7.77 -11.86
C GLU D 112 25.15 -8.65 -10.99
N ILE D 113 25.26 -9.90 -11.39
CA ILE D 113 25.96 -10.94 -10.64
C ILE D 113 27.18 -11.38 -11.44
N LYS D 114 28.27 -11.68 -10.75
CA LYS D 114 29.48 -12.19 -11.38
C LYS D 114 29.57 -13.69 -11.14
N ARG D 115 29.90 -14.44 -12.20
CA ARG D 115 29.68 -15.88 -12.24
C ARG D 115 30.82 -16.54 -13.01
N THR D 116 31.01 -17.83 -12.76
CA THR D 116 31.96 -18.60 -13.55
C THR D 116 31.49 -18.71 -15.00
N VAL D 117 32.46 -18.89 -15.90
CA VAL D 117 32.13 -18.96 -17.31
C VAL D 117 31.17 -20.11 -17.58
N ALA D 118 30.37 -19.98 -18.63
CA ALA D 118 29.43 -21.03 -19.02
C ALA D 118 29.31 -21.02 -20.54
N ALA D 119 29.69 -22.13 -21.17
CA ALA D 119 29.51 -22.24 -22.61
C ALA D 119 28.04 -22.53 -22.93
N PRO D 120 27.50 -21.91 -23.98
CA PRO D 120 26.09 -22.13 -24.29
C PRO D 120 25.83 -23.51 -24.86
N SER D 121 24.67 -24.06 -24.52
CA SER D 121 24.15 -25.20 -25.25
C SER D 121 23.43 -24.67 -26.49
N VAL D 122 23.84 -25.15 -27.66
CA VAL D 122 23.41 -24.59 -28.93
C VAL D 122 22.49 -25.59 -29.63
N PHE D 123 21.33 -25.12 -30.05
CA PHE D 123 20.39 -25.92 -30.84
C PHE D 123 19.96 -25.10 -32.04
N ILE D 124 19.41 -25.79 -33.04
CA ILE D 124 18.87 -25.15 -34.23
C ILE D 124 17.52 -25.78 -34.54
N PHE D 125 16.63 -24.99 -35.12
CA PHE D 125 15.30 -25.45 -35.51
C PHE D 125 15.03 -25.01 -36.94
N PRO D 126 14.80 -25.94 -37.86
CA PRO D 126 14.33 -25.55 -39.20
C PRO D 126 12.91 -25.01 -39.13
N PRO D 127 12.44 -24.37 -40.21
CA PRO D 127 11.07 -23.83 -40.19
C PRO D 127 10.03 -24.94 -40.21
N SER D 128 8.99 -24.77 -39.42
CA SER D 128 7.90 -25.73 -39.39
C SER D 128 7.21 -25.77 -40.74
N ASP D 129 6.76 -26.96 -41.14
CA ASP D 129 6.04 -27.12 -42.40
C ASP D 129 4.75 -26.32 -42.42
N GLU D 130 4.26 -25.86 -41.26
CA GLU D 130 3.01 -25.10 -41.23
C GLU D 130 3.21 -23.69 -41.76
N GLN D 131 4.31 -23.03 -41.38
CA GLN D 131 4.61 -21.70 -41.89
C GLN D 131 5.23 -21.73 -43.28
N LEU D 132 5.72 -22.90 -43.73
CA LEU D 132 6.19 -23.05 -45.10
C LEU D 132 5.06 -23.25 -46.09
N LYS D 133 3.82 -22.97 -45.70
CA LYS D 133 2.70 -22.93 -46.61
C LYS D 133 2.19 -21.51 -46.84
N SER D 134 2.75 -20.52 -46.14
CA SER D 134 2.32 -19.14 -46.25
C SER D 134 3.44 -18.22 -46.75
N GLY D 135 4.40 -18.78 -47.47
CA GLY D 135 5.47 -17.97 -48.05
C GLY D 135 6.46 -17.42 -47.05
N THR D 136 6.72 -18.14 -45.96
CA THR D 136 7.61 -17.68 -44.90
C THR D 136 8.56 -18.79 -44.50
N ALA D 137 9.83 -18.42 -44.31
CA ALA D 137 10.83 -19.32 -43.75
C ALA D 137 11.44 -18.67 -42.52
N SER D 138 11.46 -19.39 -41.41
CA SER D 138 11.99 -18.89 -40.14
C SER D 138 12.96 -19.93 -39.59
N VAL D 139 14.26 -19.68 -39.73
CA VAL D 139 15.30 -20.60 -39.25
C VAL D 139 15.81 -20.08 -37.92
N VAL D 140 15.76 -20.91 -36.88
CA VAL D 140 16.01 -20.46 -35.52
C VAL D 140 17.29 -21.09 -34.99
N CYS D 141 18.05 -20.32 -34.22
CA CYS D 141 19.24 -20.81 -33.53
C CYS D 141 19.20 -20.33 -32.08
N LEU D 142 19.31 -21.28 -31.15
CA LEU D 142 19.16 -20.99 -29.73
C LEU D 142 20.46 -21.29 -29.00
N LEU D 143 21.06 -20.26 -28.41
CA LEU D 143 22.13 -20.40 -27.43
C LEU D 143 21.48 -20.34 -26.05
N ASN D 144 21.87 -21.25 -25.16
CA ASN D 144 21.21 -21.35 -23.87
C ASN D 144 22.21 -21.43 -22.74
N ASN D 145 21.93 -20.68 -21.67
CA ASN D 145 22.60 -20.82 -20.38
C ASN D 145 24.12 -20.68 -20.52
N PHE D 146 24.53 -19.43 -20.76
CA PHE D 146 25.93 -19.09 -20.97
C PHE D 146 26.26 -17.82 -20.20
N TYR D 147 27.56 -17.56 -20.07
CA TYR D 147 28.08 -16.40 -19.37
C TYR D 147 29.55 -16.25 -19.76
N PRO D 148 30.06 -15.03 -20.00
CA PRO D 148 29.38 -13.74 -19.94
C PRO D 148 28.43 -13.50 -21.11
N ARG D 149 27.80 -12.33 -21.15
CA ARG D 149 26.77 -12.07 -22.17
C ARG D 149 27.35 -11.95 -23.57
N GLU D 150 28.64 -11.61 -23.69
CA GLU D 150 29.24 -11.45 -25.01
C GLU D 150 29.25 -12.76 -25.76
N ALA D 151 28.60 -12.78 -26.92
CA ALA D 151 28.53 -13.98 -27.76
C ALA D 151 28.28 -13.56 -29.20
N LYS D 152 28.77 -14.37 -30.14
CA LYS D 152 28.67 -14.08 -31.56
C LYS D 152 27.98 -15.23 -32.28
N VAL D 153 27.13 -14.88 -33.24
CA VAL D 153 26.40 -15.86 -34.06
C VAL D 153 26.56 -15.46 -35.52
N GLN D 154 27.16 -16.34 -36.31
CA GLN D 154 27.26 -16.18 -37.75
C GLN D 154 26.38 -17.22 -38.43
N TRP D 155 25.48 -16.76 -39.29
CA TRP D 155 24.66 -17.66 -40.10
C TRP D 155 25.41 -18.03 -41.37
N LYS D 156 25.14 -19.23 -41.88
CA LYS D 156 25.78 -19.68 -43.12
C LYS D 156 24.83 -20.61 -43.86
N VAL D 157 24.49 -20.22 -45.09
CA VAL D 157 23.65 -21.02 -45.98
C VAL D 157 24.47 -21.34 -47.21
N ASP D 158 24.65 -22.63 -47.49
CA ASP D 158 25.51 -23.06 -48.59
C ASP D 158 26.89 -22.42 -48.46
N ASN D 159 27.37 -22.30 -47.23
CA ASN D 159 28.67 -21.71 -46.94
C ASN D 159 28.72 -20.24 -47.38
N ALA D 160 27.63 -19.53 -47.16
CA ALA D 160 27.53 -18.11 -47.49
C ALA D 160 27.15 -17.35 -46.22
N LEU D 161 28.13 -16.63 -45.65
CA LEU D 161 27.87 -15.83 -44.47
C LEU D 161 26.76 -14.82 -44.74
N GLN D 162 25.66 -14.93 -43.99
CA GLN D 162 24.57 -13.98 -44.10
C GLN D 162 24.90 -12.72 -43.31
N SER D 163 24.28 -11.61 -43.71
CA SER D 163 24.52 -10.33 -43.05
C SER D 163 23.30 -9.44 -43.22
N GLY D 164 22.90 -8.78 -42.14
CA GLY D 164 21.77 -7.88 -42.17
C GLY D 164 20.43 -8.55 -42.36
N ASN D 165 20.37 -9.88 -42.33
CA ASN D 165 19.13 -10.62 -42.52
C ASN D 165 18.72 -11.40 -41.29
N SER D 166 19.33 -11.13 -40.14
CA SER D 166 19.11 -11.91 -38.93
C SER D 166 18.75 -10.98 -37.78
N GLN D 167 18.01 -11.52 -36.81
CA GLN D 167 17.59 -10.74 -35.66
C GLN D 167 17.83 -11.53 -34.38
N GLU D 168 18.48 -10.88 -33.41
CA GLU D 168 18.86 -11.50 -32.14
C GLU D 168 18.00 -10.95 -31.00
N SER D 169 17.78 -11.79 -30.00
CA SER D 169 17.03 -11.42 -28.80
C SER D 169 17.66 -12.11 -27.60
N VAL D 170 17.77 -11.38 -26.50
CA VAL D 170 18.48 -11.85 -25.33
C VAL D 170 17.61 -11.65 -24.09
N THR D 171 17.74 -12.59 -23.15
CA THR D 171 17.02 -12.53 -21.89
C THR D 171 17.89 -11.88 -20.81
N GLU D 172 17.25 -11.50 -19.71
CA GLU D 172 17.96 -10.97 -18.57
C GLU D 172 18.60 -12.10 -17.77
N GLN D 173 19.42 -11.73 -16.79
CA GLN D 173 20.12 -12.72 -15.99
C GLN D 173 19.13 -13.67 -15.32
N ASP D 174 19.47 -14.95 -15.33
CA ASP D 174 18.63 -15.96 -14.72
C ASP D 174 18.66 -15.81 -13.20
N SER D 175 17.53 -16.09 -12.56
CA SER D 175 17.41 -16.00 -11.12
C SER D 175 17.73 -17.32 -10.42
N LYS D 176 17.99 -18.38 -11.18
CA LYS D 176 18.35 -19.67 -10.63
C LYS D 176 19.83 -19.97 -10.76
N ASP D 177 20.45 -19.60 -11.89
CA ASP D 177 21.86 -19.88 -12.12
C ASP D 177 22.62 -18.72 -12.75
N SER D 178 21.99 -17.56 -12.94
CA SER D 178 22.70 -16.32 -13.28
C SER D 178 23.27 -16.34 -14.70
N THR D 179 22.62 -17.03 -15.63
CA THR D 179 23.11 -17.13 -16.99
C THR D 179 22.18 -16.39 -17.95
N TYR D 180 22.55 -16.39 -19.23
CA TYR D 180 21.81 -15.72 -20.28
C TYR D 180 21.38 -16.71 -21.36
N SER D 181 20.31 -16.36 -22.06
CA SER D 181 19.85 -17.08 -23.23
C SER D 181 19.80 -16.12 -24.41
N LEU D 182 19.88 -16.68 -25.61
CA LEU D 182 19.90 -15.89 -26.83
C LEU D 182 19.20 -16.67 -27.93
N SER D 183 18.30 -16.00 -28.65
CA SER D 183 17.63 -16.58 -29.81
C SER D 183 17.89 -15.72 -31.02
N SER D 184 18.39 -16.33 -32.09
CA SER D 184 18.59 -15.65 -33.36
C SER D 184 17.65 -16.27 -34.39
N THR D 185 17.03 -15.42 -35.20
CA THR D 185 16.12 -15.86 -36.24
C THR D 185 16.56 -15.30 -37.58
N LEU D 186 16.65 -16.18 -38.57
CA LEU D 186 16.87 -15.82 -39.96
C LEU D 186 15.51 -15.88 -40.65
N THR D 187 15.02 -14.72 -41.08
CA THR D 187 13.76 -14.63 -41.81
C THR D 187 14.05 -14.68 -43.30
N LEU D 188 13.75 -15.82 -43.92
CA LEU D 188 14.07 -16.10 -45.30
C LEU D 188 12.79 -16.27 -46.10
N SER D 189 12.91 -16.06 -47.41
CA SER D 189 11.77 -16.26 -48.30
C SER D 189 11.63 -17.73 -48.66
N LYS D 190 10.38 -18.21 -48.64
CA LYS D 190 10.11 -19.60 -49.00
C LYS D 190 10.82 -19.99 -50.29
N ALA D 191 10.78 -19.11 -51.30
CA ALA D 191 11.46 -19.39 -52.55
C ALA D 191 12.95 -19.58 -52.33
N ASP D 192 13.61 -18.60 -51.70
CA ASP D 192 15.02 -18.75 -51.39
C ASP D 192 15.27 -19.97 -50.51
N TYR D 193 14.33 -20.28 -49.62
CA TYR D 193 14.50 -21.46 -48.78
C TYR D 193 14.60 -22.72 -49.63
N GLU D 194 13.76 -22.83 -50.66
CA GLU D 194 13.84 -23.99 -51.54
C GLU D 194 15.12 -23.97 -52.37
N LYS D 195 15.70 -22.79 -52.61
CA LYS D 195 16.83 -22.67 -53.51
C LYS D 195 18.14 -23.16 -52.91
N HIS D 196 18.18 -23.55 -51.64
CA HIS D 196 19.43 -23.90 -50.98
C HIS D 196 19.25 -25.16 -50.15
N LYS D 197 20.37 -25.71 -49.69
CA LYS D 197 20.39 -27.03 -49.08
C LYS D 197 20.82 -26.98 -47.62
N VAL D 198 22.07 -26.64 -47.33
CA VAL D 198 22.60 -26.68 -45.97
C VAL D 198 22.36 -25.34 -45.28
N TYR D 199 21.79 -25.39 -44.08
CA TYR D 199 21.58 -24.23 -43.23
C TYR D 199 22.30 -24.46 -41.92
N ALA D 200 23.16 -23.51 -41.52
CA ALA D 200 24.04 -23.71 -40.39
C ALA D 200 24.17 -22.44 -39.56
N CYS D 201 24.34 -22.65 -38.26
CA CYS D 201 24.51 -21.58 -37.27
C CYS D 201 25.84 -21.82 -36.55
N GLU D 202 26.69 -20.80 -36.53
CA GLU D 202 28.03 -20.90 -35.94
C GLU D 202 28.12 -19.94 -34.76
N VAL D 203 28.40 -20.48 -33.58
CA VAL D 203 28.45 -19.71 -32.34
C VAL D 203 29.90 -19.59 -31.90
N THR D 204 30.26 -18.41 -31.39
CA THR D 204 31.56 -18.14 -30.81
C THR D 204 31.35 -17.50 -29.44
N HIS D 205 32.01 -18.04 -28.42
CA HIS D 205 31.85 -17.58 -27.05
C HIS D 205 33.11 -17.92 -26.26
N GLN D 206 33.29 -17.21 -25.15
CA GLN D 206 34.47 -17.41 -24.32
C GLN D 206 34.60 -18.87 -23.87
N GLY D 207 33.51 -19.46 -23.42
CA GLY D 207 33.54 -20.79 -22.84
C GLY D 207 33.69 -21.92 -23.84
N LEU D 208 33.90 -21.61 -25.11
CA LEU D 208 34.03 -22.60 -26.16
C LEU D 208 35.48 -22.71 -26.60
N SER D 209 36.01 -23.94 -26.60
CA SER D 209 37.37 -24.16 -27.09
C SER D 209 37.48 -23.81 -28.58
N SER D 210 36.40 -23.96 -29.32
CA SER D 210 36.38 -23.70 -30.76
C SER D 210 34.98 -23.26 -31.16
N PRO D 211 34.85 -22.45 -32.21
CA PRO D 211 33.51 -22.10 -32.70
C PRO D 211 32.69 -23.35 -32.98
N VAL D 212 31.46 -23.36 -32.46
CA VAL D 212 30.57 -24.51 -32.61
C VAL D 212 29.68 -24.26 -33.82
N THR D 213 29.22 -25.33 -34.46
CA THR D 213 28.42 -25.22 -35.67
C THR D 213 27.34 -26.28 -35.66
N LYS D 214 26.08 -25.85 -35.69
CA LYS D 214 24.93 -26.75 -35.81
C LYS D 214 24.28 -26.51 -37.17
N SER D 215 24.15 -27.56 -37.97
CA SER D 215 23.62 -27.42 -39.32
C SER D 215 22.63 -28.53 -39.61
N PHE D 216 21.83 -28.31 -40.65
CA PHE D 216 20.94 -29.32 -41.19
C PHE D 216 20.85 -29.13 -42.70
N ASN D 217 20.17 -30.07 -43.36
CA ASN D 217 19.99 -30.05 -44.81
C ASN D 217 18.51 -29.94 -45.12
N ARG D 218 18.17 -29.17 -46.15
CA ARG D 218 16.78 -28.94 -46.51
C ARG D 218 16.07 -30.25 -46.84
N GLY D 219 15.08 -30.61 -46.02
CA GLY D 219 14.30 -31.80 -46.28
C GLY D 219 15.06 -33.09 -46.05
N GLU D 220 15.29 -33.41 -44.78
CA GLU D 220 15.96 -34.66 -44.41
C GLU D 220 15.38 -35.14 -43.08
N CYS D 221 14.06 -35.33 -43.06
CA CYS D 221 13.33 -35.82 -41.90
C CYS D 221 13.81 -35.17 -40.60
#